data_4FVC
#
_entry.id   4FVC
#
_cell.length_a   70.821
_cell.length_b   117.519
_cell.length_c   70.847
_cell.angle_alpha   90.00
_cell.angle_beta   91.22
_cell.angle_gamma   90.00
#
_symmetry.space_group_name_H-M   'P 1 21 1'
#
loop_
_entity.id
_entity.type
_entity.pdbx_description
1 polymer 'Putative uncharacterized protein yhgC'
2 non-polymer 'PROTOPORPHYRIN IX CONTAINING FE'
3 water water
#
_entity_poly.entity_id   1
_entity_poly.type   'polypeptide(L)'
_entity_poly.pdbx_seq_one_letter_code
;MKVYITYGTADFLKTIVKKHPSENILLMQGQENAILIHETSGDTVFQAPHAYEVIDQVGEIKHPGFAVLANIAVTQEGRP
LFENKFKNRAGKVENEPGFEAIRVLRPLDSDTYVILTLWETERAFQDWQQSDSYKEAHKKRGTSAGIDTTSIFSRPSYVT
TYFAVE
;
_entity_poly.pdbx_strand_id   A,B,C,D,E,F
#
loop_
_chem_comp.id
_chem_comp.type
_chem_comp.name
_chem_comp.formula
HEM non-polymer 'PROTOPORPHYRIN IX CONTAINING FE' 'C34 H32 Fe N4 O4'
#
# COMPACT_ATOMS: atom_id res chain seq x y z
N MET A 1 -4.19 -4.10 -11.99
CA MET A 1 -4.45 -5.10 -10.89
C MET A 1 -5.58 -4.79 -9.88
N LYS A 2 -5.89 -3.52 -9.56
CA LYS A 2 -7.22 -3.18 -9.03
C LYS A 2 -7.93 -2.39 -10.11
N VAL A 3 -9.27 -2.44 -10.11
CA VAL A 3 -10.01 -1.51 -10.94
C VAL A 3 -11.03 -0.89 -9.98
N TYR A 4 -11.12 0.44 -9.99
CA TYR A 4 -12.12 1.18 -9.22
C TYR A 4 -13.10 1.75 -10.21
N ILE A 5 -14.38 1.68 -9.85
CA ILE A 5 -15.45 2.24 -10.68
C ILE A 5 -16.26 3.18 -9.83
N THR A 6 -16.70 4.28 -10.43
CA THR A 6 -17.69 5.11 -9.79
C THR A 6 -18.67 5.64 -10.81
N TYR A 7 -19.84 6.01 -10.31
CA TYR A 7 -20.92 6.51 -11.15
C TYR A 7 -21.35 7.93 -10.76
N GLY A 8 -21.77 8.70 -11.75
CA GLY A 8 -22.40 9.98 -11.37
C GLY A 8 -22.60 10.82 -12.61
N THR A 9 -22.93 12.09 -12.42
CA THR A 9 -23.10 12.98 -13.57
C THR A 9 -21.76 13.18 -14.28
N ALA A 10 -21.80 13.29 -15.60
CA ALA A 10 -20.54 13.46 -16.33
C ALA A 10 -19.80 14.72 -15.85
N ASP A 11 -20.57 15.78 -15.60
CA ASP A 11 -20.04 17.02 -15.11
C ASP A 11 -19.22 16.82 -13.78
N PHE A 12 -19.77 16.05 -12.83
CA PHE A 12 -19.02 15.70 -11.61
C PHE A 12 -17.80 14.81 -11.91
N LEU A 13 -17.99 13.81 -12.78
CA LEU A 13 -16.91 12.83 -13.01
C LEU A 13 -15.73 13.44 -13.73
N LYS A 14 -16.02 14.37 -14.64
CA LYS A 14 -14.96 15.14 -15.33
C LYS A 14 -13.99 15.86 -14.39
N THR A 15 -14.50 16.37 -13.26
CA THR A 15 -13.62 17.06 -12.28
C THR A 15 -12.59 16.12 -11.66
N ILE A 16 -12.96 14.86 -11.50
CA ILE A 16 -12.06 13.86 -10.97
C ILE A 16 -10.99 13.54 -12.01
N VAL A 17 -11.39 13.41 -13.27
CA VAL A 17 -10.43 13.12 -14.35
C VAL A 17 -9.34 14.20 -14.43
N LYS A 18 -9.81 15.45 -14.40
CA LYS A 18 -8.92 16.59 -14.50
C LYS A 18 -8.07 16.77 -13.22
N LYS A 19 -8.57 16.34 -12.07
CA LYS A 19 -7.82 16.45 -10.82
C LYS A 19 -6.62 15.47 -10.77
N HIS A 20 -6.72 14.40 -11.56
CA HIS A 20 -5.74 13.33 -11.52
C HIS A 20 -5.15 12.94 -12.90
N PRO A 21 -4.48 13.90 -13.56
CA PRO A 21 -4.13 13.70 -14.96
C PRO A 21 -3.11 12.57 -15.21
N SER A 22 -2.31 12.22 -14.22
CA SER A 22 -1.35 11.12 -14.37
C SER A 22 -1.98 9.72 -14.14
N GLU A 23 -3.25 9.65 -13.78
CA GLU A 23 -3.91 8.37 -13.63
C GLU A 23 -4.66 8.04 -14.90
N ASN A 24 -4.74 6.75 -15.21
CA ASN A 24 -5.47 6.34 -16.40
C ASN A 24 -6.93 6.14 -16.01
N ILE A 25 -7.71 7.20 -16.17
CA ILE A 25 -9.12 7.16 -15.75
C ILE A 25 -9.99 7.36 -16.96
N LEU A 26 -10.81 6.36 -17.25
CA LEU A 26 -11.64 6.37 -18.46
C LEU A 26 -13.06 6.79 -18.11
N LEU A 27 -13.55 7.85 -18.79
CA LEU A 27 -14.94 8.32 -18.59
C LEU A 27 -15.77 7.91 -19.82
N MET A 28 -16.92 7.28 -19.58
CA MET A 28 -17.85 6.86 -20.63
C MET A 28 -19.25 7.29 -20.18
N GLN A 29 -20.16 7.44 -21.14
CA GLN A 29 -21.52 7.95 -20.87
C GLN A 29 -22.55 6.84 -21.10
N GLY A 30 -23.38 6.64 -20.09
CA GLY A 30 -24.50 5.69 -20.13
C GLY A 30 -25.83 6.40 -20.01
N GLN A 31 -26.88 5.58 -20.07
CA GLN A 31 -28.22 6.09 -20.08
C GLN A 31 -28.62 6.72 -18.76
N GLU A 32 -28.26 6.08 -17.66
CA GLU A 32 -28.72 6.56 -16.36
C GLU A 32 -27.73 7.53 -15.77
N ASN A 33 -26.49 7.35 -16.16
CA ASN A 33 -25.39 8.17 -15.61
C ASN A 33 -24.12 7.83 -16.34
N ALA A 34 -23.05 8.56 -16.02
CA ALA A 34 -21.74 8.29 -16.61
C ALA A 34 -20.93 7.43 -15.65
N ILE A 35 -19.81 6.89 -16.16
CA ILE A 35 -18.99 5.95 -15.39
C ILE A 35 -17.54 6.38 -15.50
N LEU A 36 -16.78 6.22 -14.42
CA LEU A 36 -15.32 6.29 -14.50
C LEU A 36 -14.76 4.92 -14.17
N ILE A 37 -13.77 4.51 -14.95
CA ILE A 37 -13.09 3.24 -14.75
C ILE A 37 -11.61 3.54 -14.59
N HIS A 38 -11.04 3.15 -13.46
CA HIS A 38 -9.63 3.46 -13.11
C HIS A 38 -8.89 2.15 -12.80
N GLU A 39 -8.00 1.75 -13.69
CA GLU A 39 -7.13 0.58 -13.41
C GLU A 39 -5.82 1.06 -12.83
N THR A 40 -5.43 0.47 -11.72
CA THR A 40 -4.15 0.89 -11.10
C THR A 40 -3.65 -0.15 -10.14
N SER A 41 -2.35 -0.19 -9.87
CA SER A 41 -1.88 -1.10 -8.82
C SER A 41 -2.01 -0.41 -7.46
N GLY A 42 -2.19 0.91 -7.47
CA GLY A 42 -2.24 1.73 -6.28
C GLY A 42 -3.63 1.98 -5.72
N ASP A 43 -3.77 3.11 -5.02
CA ASP A 43 -5.01 3.39 -4.32
C ASP A 43 -6.05 4.14 -5.14
N THR A 44 -7.30 4.04 -4.70
CA THR A 44 -8.33 4.76 -5.38
C THR A 44 -8.21 6.28 -5.19
N VAL A 45 -8.73 6.97 -6.18
CA VAL A 45 -8.85 8.40 -6.18
C VAL A 45 -10.36 8.85 -6.09
N PHE A 46 -11.28 7.88 -5.93
CA PHE A 46 -12.73 8.16 -5.88
C PHE A 46 -13.24 8.15 -4.44
N GLN A 47 -14.26 8.96 -4.14
CA GLN A 47 -14.97 8.84 -2.86
C GLN A 47 -15.90 7.61 -2.99
N ALA A 48 -15.81 6.67 -2.04
CA ALA A 48 -16.68 5.46 -2.02
C ALA A 48 -16.81 4.72 -3.37
N PRO A 49 -15.71 4.26 -3.90
CA PRO A 49 -15.75 3.56 -5.20
C PRO A 49 -16.37 2.17 -5.11
N HIS A 50 -16.59 1.55 -6.25
CA HIS A 50 -16.73 0.10 -6.31
C HIS A 50 -15.34 -0.43 -6.61
N ALA A 51 -14.82 -1.31 -5.75
CA ALA A 51 -13.44 -1.81 -5.90
C ALA A 51 -13.43 -3.24 -6.37
N TYR A 52 -12.52 -3.55 -7.27
CA TYR A 52 -12.44 -4.88 -7.87
C TYR A 52 -10.99 -5.32 -7.97
N GLU A 53 -10.78 -6.62 -7.89
CA GLU A 53 -9.47 -7.21 -8.29
C GLU A 53 -9.59 -7.74 -9.72
N VAL A 54 -8.54 -7.57 -10.50
CA VAL A 54 -8.53 -8.09 -11.89
C VAL A 54 -8.12 -9.58 -11.87
N ILE A 55 -9.03 -10.46 -12.28
CA ILE A 55 -8.74 -11.89 -12.29
C ILE A 55 -8.46 -12.44 -13.69
N ASP A 56 -8.74 -11.65 -14.74
CA ASP A 56 -8.29 -11.96 -16.09
C ASP A 56 -8.29 -10.67 -16.90
N GLN A 57 -7.35 -10.53 -17.81
CA GLN A 57 -7.24 -9.30 -18.59
C GLN A 57 -6.54 -9.55 -19.91
N VAL A 58 -7.00 -8.85 -20.96
CA VAL A 58 -6.33 -8.80 -22.27
C VAL A 58 -6.51 -7.35 -22.73
N GLY A 59 -5.44 -6.76 -23.27
CA GLY A 59 -5.61 -5.46 -23.91
C GLY A 59 -5.50 -4.25 -22.98
N GLU A 60 -5.36 -3.08 -23.59
CA GLU A 60 -5.13 -1.83 -22.82
C GLU A 60 -6.43 -1.04 -22.71
N ILE A 61 -6.61 -0.36 -21.60
CA ILE A 61 -7.79 0.52 -21.42
C ILE A 61 -7.34 1.89 -21.91
N LYS A 62 -7.78 2.28 -23.10
CA LYS A 62 -7.28 3.49 -23.75
C LYS A 62 -8.44 4.44 -24.13
N HIS A 63 -8.78 4.51 -25.42
CA HIS A 63 -9.89 5.37 -25.85
C HIS A 63 -10.99 4.62 -26.64
N PRO A 64 -11.65 3.63 -26.00
CA PRO A 64 -12.64 2.83 -26.70
C PRO A 64 -13.86 3.63 -27.08
N GLY A 65 -14.53 3.16 -28.13
CA GLY A 65 -15.73 3.83 -28.57
C GLY A 65 -16.94 3.40 -27.76
N PHE A 66 -16.88 2.18 -27.20
CA PHE A 66 -18.02 1.53 -26.60
C PHE A 66 -17.54 0.61 -25.49
N ALA A 67 -18.30 0.58 -24.41
CA ALA A 67 -18.01 -0.34 -23.29
C ALA A 67 -19.26 -1.13 -22.93
N VAL A 68 -19.06 -2.42 -22.61
CA VAL A 68 -20.17 -3.24 -22.15
C VAL A 68 -19.79 -3.90 -20.87
N LEU A 69 -20.68 -3.78 -19.87
CA LEU A 69 -20.45 -4.47 -18.58
C LEU A 69 -21.52 -5.53 -18.37
N ALA A 70 -21.09 -6.80 -18.22
CA ALA A 70 -22.00 -7.84 -17.74
C ALA A 70 -21.89 -7.86 -16.23
N ASN A 71 -23.01 -7.58 -15.57
CA ASN A 71 -23.04 -7.45 -14.13
C ASN A 71 -23.68 -8.68 -13.53
N ILE A 72 -22.86 -9.58 -13.01
CA ILE A 72 -23.28 -10.95 -12.67
C ILE A 72 -23.14 -11.22 -11.18
N ALA A 73 -24.28 -11.33 -10.48
CA ALA A 73 -24.30 -11.50 -9.01
C ALA A 73 -24.05 -12.96 -8.69
N VAL A 74 -23.04 -13.21 -7.86
CA VAL A 74 -22.59 -14.57 -7.57
C VAL A 74 -22.63 -14.75 -6.06
N THR A 75 -23.17 -15.87 -5.57
CA THR A 75 -23.20 -16.13 -4.14
C THR A 75 -21.79 -16.38 -3.65
N GLN A 76 -21.57 -16.18 -2.36
CA GLN A 76 -20.25 -16.33 -1.77
C GLN A 76 -19.77 -17.77 -2.07
N GLU A 77 -20.67 -18.72 -1.89
CA GLU A 77 -20.32 -20.14 -2.12
C GLU A 77 -19.97 -20.44 -3.58
N GLY A 78 -20.59 -19.71 -4.50
CA GLY A 78 -20.40 -19.92 -5.94
C GLY A 78 -19.12 -19.27 -6.49
N ARG A 79 -18.48 -18.40 -5.70
CA ARG A 79 -17.33 -17.65 -6.23
C ARG A 79 -16.19 -18.54 -6.78
N PRO A 80 -15.71 -19.53 -6.00
CA PRO A 80 -14.65 -20.41 -6.50
C PRO A 80 -15.02 -21.07 -7.83
N LEU A 81 -16.23 -21.64 -7.93
CA LEU A 81 -16.64 -22.28 -9.17
C LEU A 81 -16.70 -21.29 -10.32
N PHE A 82 -17.30 -20.12 -10.09
CA PHE A 82 -17.44 -19.10 -11.11
C PHE A 82 -16.08 -18.62 -11.61
N GLU A 83 -15.16 -18.36 -10.68
CA GLU A 83 -13.85 -17.82 -11.09
C GLU A 83 -13.05 -18.86 -11.89
N ASN A 84 -13.20 -20.10 -11.46
CA ASN A 84 -12.40 -21.13 -12.10
C ASN A 84 -12.85 -21.40 -13.57
N LYS A 85 -14.12 -21.14 -13.89
CA LYS A 85 -14.56 -21.18 -15.30
C LYS A 85 -13.79 -20.24 -16.27
N PHE A 86 -13.28 -19.10 -15.78
CA PHE A 86 -12.47 -18.19 -16.65
C PHE A 86 -11.13 -18.71 -17.18
N LYS A 87 -10.55 -19.71 -16.50
CA LYS A 87 -9.33 -20.34 -16.98
C LYS A 87 -9.66 -21.23 -18.19
N ASN A 88 -10.93 -21.63 -18.27
CA ASN A 88 -11.48 -22.46 -19.33
C ASN A 88 -12.14 -21.64 -20.42
N ARG A 89 -12.13 -20.31 -20.32
CA ARG A 89 -12.81 -19.51 -21.32
C ARG A 89 -12.21 -19.74 -22.70
N ALA A 90 -13.06 -19.70 -23.73
CA ALA A 90 -12.61 -20.01 -25.07
C ALA A 90 -11.36 -19.20 -25.41
N GLY A 91 -11.42 -17.90 -25.13
CA GLY A 91 -10.34 -17.00 -25.45
C GLY A 91 -10.46 -16.58 -26.89
N LYS A 92 -11.69 -16.45 -27.37
CA LYS A 92 -11.97 -15.97 -28.71
C LYS A 92 -12.25 -14.47 -28.79
N VAL A 93 -12.94 -13.97 -27.76
CA VAL A 93 -13.43 -12.63 -27.82
C VAL A 93 -12.31 -11.65 -28.11
N GLU A 94 -11.10 -11.90 -27.59
CA GLU A 94 -10.03 -10.91 -27.71
C GLU A 94 -9.52 -10.90 -29.15
N ASN A 95 -9.91 -11.91 -29.92
CA ASN A 95 -9.47 -11.98 -31.32
C ASN A 95 -10.50 -11.50 -32.33
N GLU A 96 -11.62 -11.00 -31.84
CA GLU A 96 -12.68 -10.49 -32.75
C GLU A 96 -12.39 -9.08 -33.24
N PRO A 97 -12.85 -8.75 -34.47
CA PRO A 97 -12.47 -7.45 -35.02
C PRO A 97 -13.06 -6.34 -34.15
N GLY A 98 -12.27 -5.30 -33.89
CA GLY A 98 -12.81 -4.16 -33.17
C GLY A 98 -12.74 -4.31 -31.66
N PHE A 99 -12.38 -5.51 -31.18
CA PHE A 99 -12.08 -5.71 -29.74
C PHE A 99 -10.90 -4.85 -29.30
N GLU A 100 -11.01 -4.23 -28.12
CA GLU A 100 -9.88 -3.51 -27.53
C GLU A 100 -9.40 -4.16 -26.26
N ALA A 101 -10.31 -4.49 -25.35
CA ALA A 101 -9.87 -5.02 -24.07
C ALA A 101 -10.96 -5.78 -23.30
N ILE A 102 -10.52 -6.67 -22.42
CA ILE A 102 -11.42 -7.35 -21.47
C ILE A 102 -10.83 -7.33 -20.07
N ARG A 103 -11.68 -7.09 -19.07
CA ARG A 103 -11.29 -7.29 -17.67
C ARG A 103 -12.35 -8.18 -17.01
N VAL A 104 -11.94 -9.21 -16.30
CA VAL A 104 -12.89 -9.94 -15.47
C VAL A 104 -12.63 -9.49 -14.04
N LEU A 105 -13.64 -8.92 -13.40
CA LEU A 105 -13.43 -8.17 -12.16
C LEU A 105 -14.12 -8.85 -11.00
N ARG A 106 -13.32 -9.19 -9.99
CA ARG A 106 -13.81 -9.78 -8.74
C ARG A 106 -14.23 -8.64 -7.78
N PRO A 107 -15.50 -8.63 -7.35
CA PRO A 107 -15.97 -7.47 -6.58
C PRO A 107 -15.58 -7.64 -5.10
N LEU A 108 -15.07 -6.55 -4.53
CA LEU A 108 -14.73 -6.57 -3.10
C LEU A 108 -15.72 -5.79 -2.24
N ASP A 109 -16.64 -5.04 -2.87
CA ASP A 109 -17.59 -4.25 -2.09
C ASP A 109 -19.02 -4.75 -2.32
N SER A 110 -19.20 -5.73 -3.21
CA SER A 110 -20.54 -6.34 -3.44
C SER A 110 -20.37 -7.78 -3.89
N ASP A 111 -21.48 -8.41 -4.32
CA ASP A 111 -21.41 -9.75 -4.91
C ASP A 111 -21.44 -9.74 -6.41
N THR A 112 -21.27 -8.56 -7.03
CA THR A 112 -21.63 -8.45 -8.44
C THR A 112 -20.37 -8.37 -9.30
N TYR A 113 -20.02 -9.51 -9.90
CA TYR A 113 -18.82 -9.59 -10.76
C TYR A 113 -19.09 -8.75 -11.98
N VAL A 114 -18.04 -8.21 -12.57
CA VAL A 114 -18.19 -7.46 -13.85
C VAL A 114 -17.30 -8.07 -14.90
N ILE A 115 -17.88 -8.45 -16.03
CA ILE A 115 -17.07 -8.78 -17.21
C ILE A 115 -17.15 -7.51 -18.06
N LEU A 116 -16.04 -6.79 -18.11
CA LEU A 116 -15.95 -5.54 -18.79
C LEU A 116 -15.33 -5.77 -20.18
N THR A 117 -16.03 -5.41 -21.25
CA THR A 117 -15.37 -5.43 -22.57
C THR A 117 -15.41 -4.06 -23.22
N LEU A 118 -14.31 -3.70 -23.89
CA LEU A 118 -14.15 -2.41 -24.48
C LEU A 118 -13.93 -2.65 -25.94
N TRP A 119 -14.59 -1.82 -26.76
CA TRP A 119 -14.69 -2.03 -28.21
C TRP A 119 -14.47 -0.74 -28.96
N GLU A 120 -14.00 -0.84 -30.23
CA GLU A 120 -13.79 0.35 -30.99
C GLU A 120 -15.15 1.03 -31.31
N THR A 121 -16.17 0.22 -31.59
CA THR A 121 -17.52 0.70 -31.94
C THR A 121 -18.58 -0.21 -31.37
N GLU A 122 -19.81 0.29 -31.29
CA GLU A 122 -20.94 -0.55 -30.90
C GLU A 122 -21.12 -1.68 -31.90
N ARG A 123 -20.85 -1.43 -33.18
CA ARG A 123 -21.02 -2.52 -34.16
C ARG A 123 -20.10 -3.71 -33.91
N ALA A 124 -18.88 -3.42 -33.45
CA ALA A 124 -17.93 -4.49 -33.23
C ALA A 124 -18.49 -5.43 -32.18
N PHE A 125 -19.11 -4.88 -31.13
CA PHE A 125 -19.71 -5.70 -30.11
C PHE A 125 -20.92 -6.48 -30.66
N GLN A 126 -21.75 -5.80 -31.43
CA GLN A 126 -22.91 -6.47 -32.04
C GLN A 126 -22.53 -7.66 -32.93
N ASP A 127 -21.43 -7.52 -33.67
CA ASP A 127 -20.94 -8.59 -34.54
C ASP A 127 -20.46 -9.77 -33.70
N TRP A 128 -19.79 -9.46 -32.59
CA TRP A 128 -19.33 -10.52 -31.69
C TRP A 128 -20.50 -11.31 -31.15
N GLN A 129 -21.50 -10.58 -30.64
CA GLN A 129 -22.68 -11.12 -30.00
C GLN A 129 -23.53 -11.98 -30.94
N GLN A 130 -23.37 -11.74 -32.23
CA GLN A 130 -24.10 -12.48 -33.23
C GLN A 130 -23.26 -13.61 -33.78
N SER A 131 -22.02 -13.74 -33.31
CA SER A 131 -21.09 -14.72 -33.86
C SER A 131 -21.13 -16.06 -33.13
N ASP A 132 -20.40 -17.04 -33.69
CA ASP A 132 -20.19 -18.35 -33.05
C ASP A 132 -19.48 -18.36 -31.70
N SER A 133 -18.55 -17.45 -31.46
CA SER A 133 -17.83 -17.52 -30.18
C SER A 133 -18.74 -17.17 -28.99
N TYR A 134 -19.78 -16.39 -29.25
CA TYR A 134 -20.67 -15.89 -28.20
C TYR A 134 -21.64 -14.90 -28.87
N SER A 151 -28.02 -23.35 -7.48
CA SER A 151 -27.64 -22.15 -8.28
C SER A 151 -26.50 -21.31 -7.67
N ILE A 152 -25.64 -20.76 -8.50
CA ILE A 152 -24.55 -19.98 -7.93
C ILE A 152 -24.81 -18.47 -8.01
N PHE A 153 -26.00 -18.08 -8.48
CA PHE A 153 -26.31 -16.66 -8.72
C PHE A 153 -27.29 -16.12 -7.70
N SER A 154 -26.99 -14.97 -7.14
CA SER A 154 -27.87 -14.46 -6.10
C SER A 154 -29.10 -13.71 -6.60
N ARG A 155 -29.01 -13.15 -7.80
CA ARG A 155 -30.15 -12.44 -8.44
C ARG A 155 -29.84 -12.36 -9.95
N PRO A 156 -30.81 -11.91 -10.77
CA PRO A 156 -30.55 -11.97 -12.21
C PRO A 156 -29.36 -11.08 -12.62
N SER A 157 -28.68 -11.49 -13.69
CA SER A 157 -27.61 -10.71 -14.28
C SER A 157 -28.22 -9.58 -15.11
N TYR A 158 -27.46 -8.51 -15.31
CA TYR A 158 -27.94 -7.42 -16.18
C TYR A 158 -26.76 -6.79 -16.93
N VAL A 159 -27.03 -6.16 -18.06
CA VAL A 159 -25.95 -5.58 -18.86
C VAL A 159 -26.09 -4.08 -18.85
N THR A 160 -24.98 -3.37 -18.77
CA THR A 160 -25.00 -1.89 -18.92
C THR A 160 -24.02 -1.51 -20.02
N THR A 161 -24.35 -0.46 -20.79
CA THR A 161 -23.46 -0.08 -21.88
C THR A 161 -23.19 1.40 -21.83
N TYR A 162 -22.04 1.76 -22.36
CA TYR A 162 -21.57 3.15 -22.25
C TYR A 162 -20.85 3.54 -23.52
N PHE A 163 -20.91 4.81 -23.87
CA PHE A 163 -20.28 5.30 -25.07
C PHE A 163 -19.21 6.31 -24.76
N ALA A 164 -18.23 6.43 -25.66
CA ALA A 164 -17.23 7.48 -25.54
C ALA A 164 -17.82 8.89 -25.49
N VAL A 165 -17.16 9.79 -24.77
CA VAL A 165 -17.64 11.15 -24.56
C VAL A 165 -16.93 12.07 -25.55
N MET B 1 1.61 16.35 -11.70
CA MET B 1 1.66 17.39 -12.78
C MET B 1 2.48 18.64 -12.40
N LYS B 2 2.25 19.27 -11.23
CA LYS B 2 3.20 20.27 -10.70
C LYS B 2 3.75 19.75 -9.37
N VAL B 3 4.97 20.18 -9.02
CA VAL B 3 5.45 20.00 -7.68
C VAL B 3 5.80 21.37 -7.11
N TYR B 4 5.40 21.62 -5.88
CA TYR B 4 5.82 22.81 -5.21
C TYR B 4 6.73 22.43 -4.08
N ILE B 5 7.78 23.22 -3.86
CA ILE B 5 8.75 22.93 -2.82
C ILE B 5 8.90 24.19 -1.99
N THR B 6 8.99 24.04 -0.68
CA THR B 6 9.43 25.18 0.14
C THR B 6 10.38 24.69 1.26
N TYR B 7 11.16 25.60 1.80
CA TYR B 7 12.19 25.27 2.79
C TYR B 7 11.99 26.09 4.03
N GLY B 8 12.31 25.52 5.18
CA GLY B 8 12.33 26.33 6.41
C GLY B 8 12.49 25.43 7.60
N THR B 9 12.21 25.94 8.80
CA THR B 9 12.40 25.17 10.01
C THR B 9 11.39 24.05 10.01
N ALA B 10 11.78 22.87 10.48
CA ALA B 10 10.82 21.79 10.50
C ALA B 10 9.58 22.15 11.33
N ASP B 11 9.78 22.85 12.44
CA ASP B 11 8.64 23.24 13.30
C ASP B 11 7.61 24.12 12.62
N PHE B 12 8.04 24.97 11.68
CA PHE B 12 7.12 25.84 10.95
C PHE B 12 6.48 25.00 9.84
N LEU B 13 7.29 24.17 9.18
CA LEU B 13 6.79 23.34 8.05
C LEU B 13 5.74 22.32 8.49
N LYS B 14 5.95 21.71 9.65
CA LYS B 14 4.92 20.86 10.31
C LYS B 14 3.57 21.53 10.49
N THR B 15 3.57 22.82 10.75
CA THR B 15 2.28 23.51 10.90
C THR B 15 1.52 23.55 9.56
N ILE B 16 2.28 23.70 8.47
CA ILE B 16 1.69 23.68 7.11
C ILE B 16 1.13 22.30 6.77
N VAL B 17 1.86 21.26 7.14
CA VAL B 17 1.39 19.88 6.91
C VAL B 17 0.10 19.66 7.68
N LYS B 18 0.08 20.11 8.93
CA LYS B 18 -1.14 19.93 9.77
C LYS B 18 -2.29 20.82 9.31
N LYS B 19 -1.97 21.92 8.64
CA LYS B 19 -2.99 22.85 8.13
C LYS B 19 -3.72 22.29 6.89
N HIS B 20 -3.03 21.42 6.16
CA HIS B 20 -3.55 20.90 4.89
C HIS B 20 -3.49 19.38 4.84
N PRO B 21 -4.18 18.71 5.78
CA PRO B 21 -4.20 17.24 5.87
C PRO B 21 -4.75 16.57 4.61
N SER B 22 -5.58 17.26 3.84
CA SER B 22 -6.15 16.58 2.66
C SER B 22 -5.14 16.46 1.51
N GLU B 23 -4.03 17.18 1.60
CA GLU B 23 -3.03 17.28 0.52
C GLU B 23 -1.83 16.39 0.83
N ASN B 24 -1.17 15.88 -0.20
CA ASN B 24 -0.06 14.94 0.00
C ASN B 24 1.20 15.77 0.04
N ILE B 25 1.54 16.20 1.26
CA ILE B 25 2.70 17.09 1.47
C ILE B 25 3.72 16.31 2.30
N LEU B 26 4.88 16.11 1.70
CA LEU B 26 5.95 15.35 2.34
C LEU B 26 6.96 16.29 2.98
N LEU B 27 7.23 16.04 4.26
CA LEU B 27 8.19 16.80 5.06
C LEU B 27 9.40 15.91 5.31
N MET B 28 10.58 16.45 5.00
CA MET B 28 11.85 15.75 5.22
C MET B 28 12.85 16.74 5.84
N GLN B 29 13.82 16.23 6.62
CA GLN B 29 14.78 17.10 7.30
C GLN B 29 16.15 17.08 6.68
N GLY B 30 16.68 18.26 6.38
CA GLY B 30 18.04 18.35 5.88
C GLY B 30 19.01 19.05 6.82
N GLN B 31 20.24 19.22 6.33
CA GLN B 31 21.28 19.77 7.15
C GLN B 31 21.07 21.24 7.47
N GLU B 32 20.69 22.02 6.49
CA GLU B 32 20.51 23.45 6.73
C GLU B 32 19.09 23.79 7.23
N ASN B 33 18.12 23.00 6.77
CA ASN B 33 16.70 23.25 6.99
C ASN B 33 15.93 22.03 6.54
N ALA B 34 14.63 22.11 6.69
CA ALA B 34 13.72 21.09 6.25
C ALA B 34 13.10 21.51 4.95
N ILE B 35 12.45 20.52 4.31
CA ILE B 35 11.83 20.69 3.01
C ILE B 35 10.38 20.19 3.02
N LEU B 36 9.48 20.87 2.32
CA LEU B 36 8.15 20.28 1.99
C LEU B 36 8.09 20.10 0.50
N ILE B 37 7.62 18.94 0.06
CA ILE B 37 7.42 18.65 -1.34
C ILE B 37 5.94 18.33 -1.53
N HIS B 38 5.27 19.07 -2.42
CA HIS B 38 3.82 18.92 -2.58
C HIS B 38 3.55 18.69 -4.05
N GLU B 39 3.14 17.46 -4.40
CA GLU B 39 2.76 17.17 -5.80
C GLU B 39 1.25 17.32 -5.96
N THR B 40 0.83 18.11 -6.96
CA THR B 40 -0.62 18.31 -7.15
C THR B 40 -0.90 18.76 -8.57
N SER B 41 -2.09 18.47 -9.08
CA SER B 41 -2.58 19.13 -10.30
C SER B 41 -3.08 20.54 -10.00
N GLY B 42 -3.27 20.87 -8.72
CA GLY B 42 -3.93 22.12 -8.36
C GLY B 42 -2.98 23.24 -7.96
N ASP B 43 -3.48 24.16 -7.13
CA ASP B 43 -2.69 25.35 -6.72
C ASP B 43 -1.80 25.04 -5.54
N THR B 44 -0.78 25.86 -5.32
CA THR B 44 0.07 25.69 -4.17
C THR B 44 -0.65 26.09 -2.87
N VAL B 45 -0.11 25.63 -1.75
CA VAL B 45 -0.54 25.95 -0.40
C VAL B 45 0.59 26.70 0.36
N PHE B 46 1.69 26.98 -0.35
CA PHE B 46 2.83 27.67 0.22
C PHE B 46 2.85 29.16 -0.18
N GLN B 47 3.35 30.00 0.73
CA GLN B 47 3.69 31.38 0.37
C GLN B 47 5.01 31.35 -0.39
N ALA B 48 4.99 31.89 -1.61
CA ALA B 48 6.18 31.94 -2.46
C ALA B 48 6.96 30.59 -2.60
N PRO B 49 6.31 29.59 -3.19
CA PRO B 49 6.99 28.30 -3.34
C PRO B 49 8.00 28.36 -4.47
N HIS B 50 8.84 27.35 -4.55
CA HIS B 50 9.53 27.03 -5.81
C HIS B 50 8.57 26.14 -6.57
N ALA B 51 8.13 26.60 -7.75
CA ALA B 51 7.18 25.83 -8.55
C ALA B 51 7.90 25.07 -9.68
N TYR B 52 7.42 23.85 -9.97
CA TYR B 52 7.97 23.01 -11.01
C TYR B 52 6.90 22.31 -11.80
N GLU B 53 7.18 22.08 -13.08
CA GLU B 53 6.37 21.15 -13.88
C GLU B 53 7.04 19.79 -13.87
N VAL B 54 6.26 18.73 -13.73
CA VAL B 54 6.83 17.38 -13.74
C VAL B 54 7.08 16.93 -15.18
N ILE B 55 8.33 16.68 -15.55
CA ILE B 55 8.60 16.25 -16.91
C ILE B 55 8.90 14.75 -17.05
N ASP B 56 9.06 14.06 -15.91
CA ASP B 56 9.12 12.56 -15.89
C ASP B 56 8.85 12.11 -14.48
N GLN B 57 8.16 10.98 -14.33
CA GLN B 57 7.81 10.49 -12.98
C GLN B 57 7.62 8.98 -12.98
N VAL B 58 8.06 8.37 -11.89
CA VAL B 58 7.83 6.95 -11.65
C VAL B 58 7.68 6.85 -10.13
N GLY B 59 6.67 6.09 -9.68
CA GLY B 59 6.54 5.84 -8.23
C GLY B 59 5.63 6.82 -7.53
N GLU B 60 5.09 6.42 -6.39
CA GLU B 60 4.30 7.31 -5.54
C GLU B 60 5.17 8.03 -4.50
N ILE B 61 4.77 9.27 -4.19
CA ILE B 61 5.36 10.00 -3.08
C ILE B 61 4.55 9.65 -1.83
N LYS B 62 5.16 8.87 -0.93
CA LYS B 62 4.40 8.36 0.23
C LYS B 62 5.20 8.65 1.51
N HIS B 63 5.86 7.64 2.07
CA HIS B 63 6.61 7.80 3.31
C HIS B 63 8.06 7.38 3.18
N PRO B 64 8.81 8.00 2.26
CA PRO B 64 10.22 7.56 2.11
C PRO B 64 11.11 7.80 3.32
N GLY B 65 12.15 6.98 3.48
CA GLY B 65 13.11 7.22 4.57
C GLY B 65 14.12 8.33 4.25
N PHE B 66 14.33 8.54 2.96
CA PHE B 66 15.46 9.35 2.48
C PHE B 66 15.13 9.96 1.13
N ALA B 67 15.56 11.20 0.92
CA ALA B 67 15.33 11.92 -0.31
C ALA B 67 16.66 12.54 -0.77
N VAL B 68 16.92 12.49 -2.07
CA VAL B 68 18.10 13.12 -2.65
C VAL B 68 17.63 14.04 -3.77
N LEU B 69 18.15 15.25 -3.76
CA LEU B 69 17.85 16.22 -4.82
C LEU B 69 19.12 16.54 -5.54
N ALA B 70 19.17 16.31 -6.86
CA ALA B 70 20.27 16.88 -7.66
C ALA B 70 19.76 18.22 -8.18
N ASN B 71 20.46 19.29 -7.84
CA ASN B 71 20.04 20.67 -8.16
C ASN B 71 20.94 21.20 -9.29
N ILE B 72 20.40 21.24 -10.50
CA ILE B 72 21.23 21.38 -11.70
C ILE B 72 20.77 22.66 -12.39
N ALA B 73 21.62 23.68 -12.39
CA ALA B 73 21.28 24.96 -12.97
C ALA B 73 21.56 24.92 -14.46
N VAL B 74 20.57 25.30 -15.25
CA VAL B 74 20.66 25.18 -16.71
C VAL B 74 20.33 26.53 -17.35
N THR B 75 21.14 26.95 -18.33
CA THR B 75 20.86 28.20 -19.06
C THR B 75 19.55 28.10 -19.86
N GLN B 76 18.95 29.26 -20.13
CA GLN B 76 17.72 29.31 -20.91
C GLN B 76 17.98 28.57 -22.21
N GLU B 77 19.17 28.81 -22.78
CA GLU B 77 19.57 28.29 -24.07
C GLU B 77 19.71 26.77 -24.01
N GLY B 78 20.08 26.27 -22.83
CA GLY B 78 20.33 24.85 -22.61
C GLY B 78 19.12 23.98 -22.35
N ARG B 79 17.98 24.60 -22.03
CA ARG B 79 16.82 23.86 -21.59
C ARG B 79 16.38 22.75 -22.56
N PRO B 80 16.29 23.04 -23.88
CA PRO B 80 15.74 22.00 -24.77
C PRO B 80 16.63 20.76 -24.82
N LEU B 81 17.94 20.99 -24.93
CA LEU B 81 18.93 19.94 -25.03
C LEU B 81 18.91 19.10 -23.75
N PHE B 82 18.93 19.79 -22.60
CA PHE B 82 18.95 19.14 -21.29
C PHE B 82 17.70 18.27 -21.15
N GLU B 83 16.53 18.85 -21.43
CA GLU B 83 15.28 18.12 -21.28
C GLU B 83 15.15 16.90 -22.20
N ASN B 84 15.62 17.06 -23.43
CA ASN B 84 15.64 15.95 -24.41
C ASN B 84 16.41 14.71 -23.91
N LYS B 85 17.47 14.92 -23.13
CA LYS B 85 18.25 13.80 -22.61
C LYS B 85 17.46 12.87 -21.68
N PHE B 86 16.42 13.37 -21.00
CA PHE B 86 15.64 12.49 -20.10
C PHE B 86 14.76 11.45 -20.79
N LYS B 87 14.45 11.69 -22.06
CA LYS B 87 13.63 10.81 -22.87
C LYS B 87 14.38 9.55 -23.19
N ASN B 88 15.70 9.64 -23.09
CA ASN B 88 16.58 8.51 -23.33
C ASN B 88 17.35 8.10 -22.08
N ARG B 89 16.81 8.43 -20.90
CA ARG B 89 17.39 7.94 -19.65
C ARG B 89 17.33 6.40 -19.55
N ALA B 90 18.31 5.84 -18.85
CA ALA B 90 18.46 4.40 -18.73
C ALA B 90 17.20 3.69 -18.22
N GLY B 91 16.48 4.32 -17.30
CA GLY B 91 15.30 3.71 -16.68
C GLY B 91 15.62 2.55 -15.75
N LYS B 92 16.82 2.56 -15.19
CA LYS B 92 17.27 1.50 -14.27
C LYS B 92 17.05 1.79 -12.77
N VAL B 93 17.11 3.08 -12.42
CA VAL B 93 17.00 3.48 -11.02
C VAL B 93 15.69 2.98 -10.40
N GLU B 94 14.57 3.08 -11.14
CA GLU B 94 13.27 2.69 -10.61
C GLU B 94 13.16 1.20 -10.29
N ASN B 95 14.08 0.41 -10.82
CA ASN B 95 14.07 -1.04 -10.56
C ASN B 95 15.07 -1.48 -9.48
N GLU B 96 15.69 -0.50 -8.81
CA GLU B 96 16.61 -0.77 -7.70
C GLU B 96 15.89 -1.09 -6.38
N PRO B 97 16.50 -1.96 -5.54
CA PRO B 97 15.89 -2.27 -4.24
C PRO B 97 15.81 -1.00 -3.35
N GLY B 98 14.68 -0.84 -2.67
CA GLY B 98 14.44 0.31 -1.81
C GLY B 98 14.08 1.61 -2.55
N PHE B 99 14.12 1.60 -3.87
CA PHE B 99 13.65 2.77 -4.64
C PHE B 99 12.15 2.99 -4.42
N GLU B 100 11.76 4.24 -4.23
CA GLU B 100 10.35 4.56 -4.11
C GLU B 100 9.84 5.42 -5.25
N ALA B 101 10.55 6.50 -5.59
CA ALA B 101 10.03 7.40 -6.61
C ALA B 101 11.11 8.26 -7.24
N ILE B 102 10.85 8.71 -8.45
CA ILE B 102 11.68 9.72 -9.09
C ILE B 102 10.76 10.79 -9.66
N ARG B 103 11.20 12.04 -9.54
CA ARG B 103 10.60 13.13 -10.28
C ARG B 103 11.69 13.95 -10.97
N VAL B 104 11.56 14.19 -12.26
CA VAL B 104 12.41 15.17 -12.94
C VAL B 104 11.57 16.42 -13.03
N LEU B 105 12.11 17.50 -12.47
CA LEU B 105 11.36 18.74 -12.29
C LEU B 105 11.88 19.94 -13.06
N ARG B 106 11.03 20.49 -13.92
CA ARG B 106 11.36 21.72 -14.67
C ARG B 106 11.02 22.93 -13.82
N PRO B 107 12.01 23.80 -13.55
CA PRO B 107 11.78 24.96 -12.71
C PRO B 107 11.03 26.10 -13.42
N LEU B 108 10.02 26.64 -12.73
CA LEU B 108 9.31 27.76 -13.32
C LEU B 108 9.63 29.13 -12.68
N ASP B 109 10.35 29.12 -11.55
CA ASP B 109 10.63 30.34 -10.77
C ASP B 109 12.17 30.55 -10.72
N SER B 110 12.90 29.60 -11.27
CA SER B 110 14.39 29.70 -11.38
C SER B 110 14.94 28.93 -12.59
N ASP B 111 16.27 28.81 -12.65
CA ASP B 111 16.92 28.07 -13.71
C ASP B 111 17.37 26.73 -13.19
N THR B 112 17.00 26.38 -11.94
CA THR B 112 17.58 25.17 -11.35
C THR B 112 16.65 23.96 -11.42
N TYR B 113 16.93 23.05 -12.34
CA TYR B 113 16.20 21.77 -12.41
C TYR B 113 16.47 20.94 -11.16
N VAL B 114 15.50 20.09 -10.81
CA VAL B 114 15.70 19.15 -9.69
C VAL B 114 15.45 17.75 -10.16
N ILE B 115 16.41 16.85 -9.93
CA ILE B 115 16.09 15.45 -10.11
C ILE B 115 15.90 14.95 -8.69
N LEU B 116 14.66 14.56 -8.37
CA LEU B 116 14.32 14.13 -7.02
C LEU B 116 14.21 12.63 -6.97
N THR B 117 14.95 12.00 -6.05
CA THR B 117 14.73 10.58 -5.84
C THR B 117 14.35 10.29 -4.41
N LEU B 118 13.40 9.40 -4.24
CA LEU B 118 12.93 8.98 -2.92
C LEU B 118 13.23 7.51 -2.69
N TRP B 119 13.68 7.21 -1.47
CA TRP B 119 14.22 5.87 -1.16
C TRP B 119 13.72 5.39 0.17
N GLU B 120 13.64 4.07 0.35
CA GLU B 120 13.22 3.52 1.62
C GLU B 120 14.22 3.88 2.74
N THR B 121 15.52 3.81 2.44
CA THR B 121 16.60 4.17 3.40
C THR B 121 17.75 4.83 2.68
N GLU B 122 18.60 5.53 3.44
CA GLU B 122 19.88 6.03 2.90
C GLU B 122 20.70 4.93 2.27
N ARG B 123 20.75 3.77 2.96
CA ARG B 123 21.56 2.66 2.49
C ARG B 123 21.11 2.25 1.10
N ALA B 124 19.80 2.32 0.83
CA ALA B 124 19.27 1.96 -0.52
C ALA B 124 19.85 2.89 -1.60
N PHE B 125 19.93 4.18 -1.30
CA PHE B 125 20.47 5.14 -2.24
C PHE B 125 21.97 4.91 -2.41
N GLN B 126 22.65 4.69 -1.29
CA GLN B 126 24.09 4.35 -1.31
C GLN B 126 24.47 3.10 -2.14
N ASP B 127 23.62 2.08 -2.08
CA ASP B 127 23.77 0.87 -2.90
C ASP B 127 23.64 1.15 -4.39
N TRP B 128 22.63 1.92 -4.77
CA TRP B 128 22.49 2.33 -6.17
C TRP B 128 23.69 3.16 -6.64
N GLN B 129 24.16 4.07 -5.78
CA GLN B 129 25.26 4.99 -6.06
C GLN B 129 26.54 4.30 -6.47
N GLN B 130 26.89 3.22 -5.78
CA GLN B 130 28.11 2.49 -6.07
C GLN B 130 27.86 1.15 -6.81
N SER B 131 26.61 0.70 -6.87
CA SER B 131 26.27 -0.47 -7.72
C SER B 131 26.12 0.04 -9.13
N ASP B 132 27.12 -0.28 -9.94
CA ASP B 132 27.41 0.47 -11.16
C ASP B 132 26.44 0.22 -12.32
N SER B 133 25.33 0.95 -12.24
CA SER B 133 24.47 1.22 -13.37
C SER B 133 24.64 2.71 -13.70
N TYR B 134 24.40 3.57 -12.72
CA TYR B 134 24.68 5.01 -12.86
C TYR B 134 26.11 5.34 -12.45
N SER B 151 28.61 25.81 -22.90
CA SER B 151 28.08 25.15 -21.69
C SER B 151 26.60 25.44 -21.41
N ILE B 152 25.85 24.40 -21.08
CA ILE B 152 24.43 24.58 -20.83
C ILE B 152 24.17 24.87 -19.34
N PHE B 153 25.23 24.95 -18.54
CA PHE B 153 25.05 25.14 -17.07
C PHE B 153 25.43 26.53 -16.60
N SER B 154 24.57 27.17 -15.81
CA SER B 154 24.79 28.58 -15.46
C SER B 154 25.69 28.72 -14.21
N ARG B 155 25.75 27.64 -13.42
CA ARG B 155 26.58 27.60 -12.21
C ARG B 155 26.67 26.12 -11.79
N PRO B 156 27.60 25.79 -10.88
CA PRO B 156 27.85 24.40 -10.55
C PRO B 156 26.62 23.66 -10.01
N SER B 157 26.47 22.39 -10.33
CA SER B 157 25.38 21.62 -9.71
C SER B 157 25.72 21.27 -8.23
N TYR B 158 24.70 20.93 -7.45
CA TYR B 158 24.96 20.48 -6.07
C TYR B 158 23.86 19.54 -5.62
N VAL B 159 24.15 18.76 -4.58
CA VAL B 159 23.21 17.76 -4.09
C VAL B 159 22.81 18.08 -2.68
N THR B 160 21.52 17.88 -2.37
CA THR B 160 21.02 18.06 -1.03
C THR B 160 20.30 16.76 -0.64
N THR B 161 20.44 16.35 0.62
CA THR B 161 19.73 15.14 1.09
C THR B 161 18.90 15.41 2.33
N TYR B 162 17.87 14.56 2.56
CA TYR B 162 16.86 14.84 3.58
C TYR B 162 16.41 13.50 4.12
N PHE B 163 16.06 13.47 5.40
CA PHE B 163 15.68 12.23 6.11
C PHE B 163 14.25 12.35 6.57
N ALA B 164 13.58 11.23 6.70
CA ALA B 164 12.22 11.25 7.22
C ALA B 164 12.21 11.78 8.65
N VAL B 165 11.13 12.48 8.99
CA VAL B 165 11.00 13.09 10.29
C VAL B 165 10.15 12.14 11.13
N MET C 1 13.06 -11.68 0.39
CA MET C 1 11.64 -11.97 0.77
C MET C 1 11.39 -13.29 1.50
N LYS C 2 11.90 -14.42 1.00
CA LYS C 2 11.97 -15.65 1.83
C LYS C 2 13.41 -15.98 2.14
N VAL C 3 13.61 -16.68 3.25
CA VAL C 3 14.89 -17.29 3.55
C VAL C 3 14.58 -18.73 3.90
N TYR C 4 15.33 -19.63 3.26
CA TYR C 4 15.27 -21.06 3.57
C TYR C 4 16.58 -21.44 4.21
N ILE C 5 16.47 -22.24 5.26
CA ILE C 5 17.68 -22.72 5.98
C ILE C 5 17.63 -24.21 5.98
N THR C 6 18.80 -24.83 5.83
CA THR C 6 18.90 -26.28 6.07
C THR C 6 20.20 -26.60 6.78
N TYR C 7 20.22 -27.71 7.51
CA TYR C 7 21.41 -28.11 8.28
C TYR C 7 21.93 -29.48 7.83
N GLY C 8 23.21 -29.70 7.97
CA GLY C 8 23.69 -31.06 7.69
C GLY C 8 25.20 -31.05 7.60
N THR C 9 25.76 -32.15 7.13
CA THR C 9 27.22 -32.22 6.98
C THR C 9 27.67 -31.26 5.88
N ALA C 10 28.82 -30.65 6.07
CA ALA C 10 29.30 -29.74 5.06
C ALA C 10 29.43 -30.44 3.66
N ASP C 11 29.86 -31.71 3.63
CA ASP C 11 29.98 -32.42 2.35
C ASP C 11 28.63 -32.57 1.65
N PHE C 12 27.56 -32.86 2.42
CA PHE C 12 26.23 -32.92 1.82
C PHE C 12 25.78 -31.52 1.32
N LEU C 13 26.00 -30.50 2.15
CA LEU C 13 25.48 -29.17 1.85
C LEU C 13 26.20 -28.56 0.66
N LYS C 14 27.51 -28.84 0.53
CA LYS C 14 28.31 -28.39 -0.64
C LYS C 14 27.77 -28.84 -1.99
N THR C 15 27.27 -30.06 -2.05
CA THR C 15 26.64 -30.54 -3.29
C THR C 15 25.42 -29.71 -3.70
N ILE C 16 24.65 -29.20 -2.72
CA ILE C 16 23.52 -28.36 -3.04
C ILE C 16 24.01 -27.02 -3.61
N VAL C 17 25.07 -26.46 -3.01
CA VAL C 17 25.62 -25.19 -3.47
C VAL C 17 26.06 -25.26 -4.93
N LYS C 18 26.79 -26.33 -5.25
CA LYS C 18 27.32 -26.57 -6.60
C LYS C 18 26.21 -26.93 -7.61
N LYS C 19 25.12 -27.52 -7.14
CA LYS C 19 23.96 -27.85 -8.00
C LYS C 19 23.16 -26.59 -8.45
N HIS C 20 23.26 -25.49 -7.67
CA HIS C 20 22.48 -24.30 -7.90
C HIS C 20 23.31 -23.01 -7.93
N PRO C 21 24.27 -22.91 -8.86
CA PRO C 21 25.24 -21.82 -8.82
C PRO C 21 24.66 -20.41 -9.01
N SER C 22 23.50 -20.28 -9.62
CA SER C 22 22.93 -18.97 -9.84
C SER C 22 22.10 -18.48 -8.64
N GLU C 23 21.97 -19.33 -7.63
CA GLU C 23 21.30 -18.95 -6.39
C GLU C 23 22.30 -18.48 -5.37
N ASN C 24 21.90 -17.55 -4.54
CA ASN C 24 22.84 -17.02 -3.57
C ASN C 24 22.60 -17.85 -2.32
N ILE C 25 23.41 -18.91 -2.21
CA ILE C 25 23.34 -19.84 -1.07
C ILE C 25 24.59 -19.74 -0.24
N LEU C 26 24.43 -19.40 1.03
CA LEU C 26 25.60 -19.17 1.86
C LEU C 26 25.84 -20.41 2.73
N LEU C 27 27.07 -20.96 2.68
CA LEU C 27 27.38 -22.11 3.57
C LEU C 27 28.31 -21.61 4.67
N MET C 28 28.02 -21.99 5.93
CA MET C 28 28.83 -21.62 7.09
C MET C 28 28.93 -22.91 7.96
N GLN C 29 29.99 -23.03 8.74
CA GLN C 29 30.25 -24.22 9.54
C GLN C 29 30.03 -23.91 11.03
N GLY C 30 29.25 -24.76 11.68
CA GLY C 30 29.01 -24.72 13.13
C GLY C 30 29.52 -25.95 13.85
N GLN C 31 29.35 -25.94 15.16
CA GLN C 31 29.80 -27.00 16.04
C GLN C 31 29.09 -28.32 15.78
N GLU C 32 27.77 -28.29 15.60
CA GLU C 32 27.05 -29.54 15.50
C GLU C 32 26.95 -29.96 14.05
N ASN C 33 26.99 -28.97 13.16
CA ASN C 33 26.71 -29.20 11.76
C ASN C 33 26.92 -27.90 11.01
N ALA C 34 26.80 -28.00 9.70
CA ALA C 34 26.93 -26.81 8.85
C ALA C 34 25.54 -26.36 8.51
N ILE C 35 25.46 -25.11 8.02
CA ILE C 35 24.22 -24.48 7.67
C ILE C 35 24.27 -23.92 6.25
N LEU C 36 23.14 -24.00 5.53
CA LEU C 36 22.95 -23.23 4.31
C LEU C 36 21.85 -22.21 4.55
N ILE C 37 22.09 -21.00 4.07
CA ILE C 37 21.13 -19.91 4.13
C ILE C 37 20.90 -19.43 2.71
N HIS C 38 19.65 -19.49 2.24
CA HIS C 38 19.29 -19.10 0.86
C HIS C 38 18.20 -18.05 0.90
N GLU C 39 18.51 -16.82 0.47
CA GLU C 39 17.51 -15.75 0.39
C GLU C 39 17.04 -15.63 -1.03
N THR C 40 15.74 -15.69 -1.22
CA THR C 40 15.19 -15.63 -2.57
C THR C 40 13.75 -15.18 -2.53
N SER C 41 13.27 -14.57 -3.61
CA SER C 41 11.84 -14.28 -3.69
C SER C 41 11.15 -15.51 -4.27
N GLY C 42 11.96 -16.51 -4.67
CA GLY C 42 11.51 -17.69 -5.39
C GLY C 42 11.32 -18.93 -4.51
N ASP C 43 11.42 -20.10 -5.12
CA ASP C 43 11.14 -21.34 -4.42
C ASP C 43 12.37 -21.97 -3.78
N THR C 44 12.16 -22.78 -2.75
CA THR C 44 13.29 -23.42 -2.15
C THR C 44 13.91 -24.46 -3.05
N VAL C 45 15.20 -24.66 -2.83
CA VAL C 45 15.98 -25.64 -3.52
C VAL C 45 16.41 -26.77 -2.55
N PHE C 46 15.91 -26.72 -1.31
CA PHE C 46 16.30 -27.68 -0.28
C PHE C 46 15.22 -28.74 -0.08
N GLN C 47 15.65 -29.96 0.26
CA GLN C 47 14.78 -31.03 0.75
C GLN C 47 14.34 -30.70 2.23
N ALA C 48 13.02 -30.58 2.47
CA ALA C 48 12.46 -30.16 3.78
C ALA C 48 13.19 -29.01 4.51
N PRO C 49 13.21 -27.83 3.91
CA PRO C 49 13.89 -26.70 4.56
C PRO C 49 13.16 -26.20 5.83
N HIS C 50 13.81 -25.32 6.57
CA HIS C 50 13.14 -24.38 7.44
C HIS C 50 12.87 -23.13 6.63
N ALA C 51 11.60 -22.75 6.52
CA ALA C 51 11.17 -21.62 5.70
C ALA C 51 10.84 -20.42 6.55
N TYR C 52 11.25 -19.24 6.08
CA TYR C 52 11.05 -17.99 6.82
C TYR C 52 10.60 -16.90 5.88
N GLU C 53 9.78 -16.00 6.40
CA GLU C 53 9.56 -14.69 5.74
C GLU C 53 10.46 -13.62 6.35
N VAL C 54 11.05 -12.76 5.52
CA VAL C 54 11.89 -11.68 6.02
C VAL C 54 11.00 -10.52 6.48
N ILE C 55 11.07 -10.20 7.76
CA ILE C 55 10.26 -9.09 8.31
C ILE C 55 11.07 -7.81 8.56
N ASP C 56 12.41 -7.93 8.58
CA ASP C 56 13.27 -6.75 8.59
C ASP C 56 14.63 -7.15 8.03
N GLN C 57 15.29 -6.21 7.36
CA GLN C 57 16.54 -6.56 6.75
C GLN C 57 17.40 -5.31 6.54
N VAL C 58 18.71 -5.47 6.66
CA VAL C 58 19.67 -4.44 6.27
C VAL C 58 20.89 -5.22 5.76
N GLY C 59 21.47 -4.77 4.65
CA GLY C 59 22.72 -5.37 4.18
C GLY C 59 22.56 -6.58 3.26
N GLU C 60 23.66 -6.95 2.62
CA GLU C 60 23.62 -8.05 1.66
C GLU C 60 24.20 -9.30 2.31
N ILE C 61 23.70 -10.45 1.90
CA ILE C 61 24.23 -11.75 2.37
C ILE C 61 25.30 -12.13 1.34
N LYS C 62 26.57 -11.95 1.69
CA LYS C 62 27.63 -12.14 0.70
C LYS C 62 28.66 -13.16 1.17
N HIS C 63 29.82 -12.70 1.62
CA HIS C 63 30.83 -13.64 2.17
C HIS C 63 31.29 -13.32 3.62
N PRO C 64 30.37 -13.41 4.60
CA PRO C 64 30.70 -13.02 5.95
C PRO C 64 31.69 -13.96 6.58
N GLY C 65 32.47 -13.43 7.53
CA GLY C 65 33.37 -14.28 8.28
C GLY C 65 32.67 -15.06 9.39
N PHE C 66 31.56 -14.51 9.89
CA PHE C 66 30.92 -15.02 11.10
C PHE C 66 29.42 -14.77 11.05
N ALA C 67 28.67 -15.76 11.49
CA ALA C 67 27.22 -15.60 11.55
C ALA C 67 26.71 -15.97 12.96
N VAL C 68 25.70 -15.23 13.42
CA VAL C 68 25.11 -15.46 14.72
C VAL C 68 23.63 -15.55 14.55
N LEU C 69 23.04 -16.65 15.05
CA LEU C 69 21.57 -16.77 15.00
C LEU C 69 21.00 -16.76 16.42
N ALA C 70 20.12 -15.78 16.72
CA ALA C 70 19.35 -15.81 17.95
C ALA C 70 18.07 -16.56 17.63
N ASN C 71 17.84 -17.68 18.33
CA ASN C 71 16.75 -18.59 18.03
C ASN C 71 15.70 -18.48 19.11
N ILE C 72 14.67 -17.69 18.84
CA ILE C 72 13.74 -17.19 19.87
C ILE C 72 12.35 -17.79 19.65
N ALA C 73 11.95 -18.69 20.55
CA ALA C 73 10.63 -19.39 20.45
C ALA C 73 9.53 -18.48 20.94
N VAL C 74 8.53 -18.22 20.08
CA VAL C 74 7.47 -17.22 20.40
C VAL C 74 6.15 -17.95 20.31
N THR C 75 5.26 -17.73 21.27
CA THR C 75 3.95 -18.36 21.20
C THR C 75 3.14 -17.75 20.08
N GLN C 76 2.13 -18.48 19.62
CA GLN C 76 1.30 -17.98 18.51
C GLN C 76 0.67 -16.63 18.91
N GLU C 77 0.22 -16.57 20.14
CA GLU C 77 -0.41 -15.34 20.65
C GLU C 77 0.57 -14.16 20.75
N GLY C 78 1.83 -14.47 21.00
CA GLY C 78 2.88 -13.47 21.19
C GLY C 78 3.45 -12.89 19.90
N ARG C 79 3.14 -13.53 18.77
CA ARG C 79 3.76 -13.15 17.48
C ARG C 79 3.55 -11.66 17.10
N PRO C 80 2.29 -11.18 17.11
CA PRO C 80 2.02 -9.79 16.76
C PRO C 80 2.81 -8.82 17.66
N LEU C 81 2.82 -9.03 18.97
CA LEU C 81 3.59 -8.17 19.89
C LEU C 81 5.09 -8.23 19.62
N PHE C 82 5.62 -9.42 19.45
CA PHE C 82 7.04 -9.61 19.19
C PHE C 82 7.46 -8.92 17.89
N GLU C 83 6.67 -9.15 16.82
CA GLU C 83 7.04 -8.55 15.53
C GLU C 83 6.97 -7.02 15.58
N ASN C 84 5.94 -6.52 16.25
CA ASN C 84 5.79 -5.08 16.38
C ASN C 84 7.03 -4.40 17.02
N LYS C 85 7.67 -5.07 17.98
CA LYS C 85 8.90 -4.51 18.59
C LYS C 85 10.04 -4.19 17.60
N PHE C 86 10.16 -4.91 16.48
CA PHE C 86 11.23 -4.60 15.50
C PHE C 86 11.12 -3.26 14.76
N LYS C 87 9.92 -2.67 14.78
CA LYS C 87 9.68 -1.37 14.19
C LYS C 87 10.34 -0.30 15.06
N ASN C 88 10.58 -0.63 16.33
CA ASN C 88 11.15 0.28 17.30
C ASN C 88 12.53 -0.16 17.72
N ARG C 89 13.10 -1.11 16.96
CA ARG C 89 14.44 -1.50 17.24
C ARG C 89 15.33 -0.28 17.12
N ALA C 90 16.41 -0.26 17.88
CA ALA C 90 17.20 0.94 17.97
C ALA C 90 17.68 1.33 16.58
N GLY C 91 17.99 0.32 15.77
CA GLY C 91 18.62 0.54 14.49
C GLY C 91 20.08 0.93 14.63
N LYS C 92 20.74 0.43 15.67
CA LYS C 92 22.14 0.70 15.90
C LYS C 92 23.08 -0.38 15.38
N VAL C 93 22.65 -1.64 15.50
CA VAL C 93 23.51 -2.74 15.16
C VAL C 93 24.08 -2.58 13.76
N GLU C 94 23.27 -2.11 12.80
CA GLU C 94 23.73 -2.10 11.41
C GLU C 94 24.80 -1.03 11.22
N ASN C 95 24.95 -0.17 12.22
CA ASN C 95 26.00 0.87 12.13
C ASN C 95 27.29 0.54 12.89
N GLU C 96 27.40 -0.68 13.43
CA GLU C 96 28.63 -1.11 14.16
C GLU C 96 29.72 -1.55 13.23
N PRO C 97 31.00 -1.30 13.61
CA PRO C 97 32.08 -1.72 12.73
C PRO C 97 32.03 -3.22 12.50
N GLY C 98 32.21 -3.63 11.24
CA GLY C 98 32.34 -5.05 10.96
C GLY C 98 30.99 -5.72 10.70
N PHE C 99 29.90 -4.98 10.93
CA PHE C 99 28.55 -5.46 10.59
C PHE C 99 28.45 -5.66 9.09
N GLU C 100 27.81 -6.75 8.65
CA GLU C 100 27.52 -6.95 7.22
C GLU C 100 26.04 -6.96 6.93
N ALA C 101 25.28 -7.73 7.69
CA ALA C 101 23.84 -7.84 7.42
C ALA C 101 23.02 -8.33 8.61
N ILE C 102 21.73 -7.98 8.64
CA ILE C 102 20.75 -8.53 9.58
C ILE C 102 19.50 -8.98 8.85
N ARG C 103 18.94 -10.13 9.28
CA ARG C 103 17.61 -10.51 8.82
C ARG C 103 16.81 -10.89 10.05
N VAL C 104 15.59 -10.38 10.15
CA VAL C 104 14.66 -10.84 11.19
C VAL C 104 13.68 -11.77 10.50
N LEU C 105 13.72 -13.04 10.86
CA LEU C 105 13.04 -14.09 10.13
C LEU C 105 11.81 -14.63 10.90
N ARG C 106 10.66 -14.48 10.26
CA ARG C 106 9.39 -15.04 10.73
C ARG C 106 9.29 -16.55 10.31
N PRO C 107 9.16 -17.46 11.29
CA PRO C 107 9.19 -18.89 10.95
C PRO C 107 7.81 -19.38 10.48
N LEU C 108 7.82 -20.15 9.39
CA LEU C 108 6.56 -20.71 8.88
C LEU C 108 6.45 -22.19 9.12
N ASP C 109 7.54 -22.81 9.59
CA ASP C 109 7.51 -24.26 9.82
C ASP C 109 7.72 -24.56 11.31
N SER C 110 7.91 -23.55 12.15
CA SER C 110 8.07 -23.78 13.60
C SER C 110 7.64 -22.47 14.29
N ASP C 111 7.86 -22.42 15.62
CA ASP C 111 7.62 -21.21 16.38
C ASP C 111 8.88 -20.42 16.65
N THR C 112 10.00 -20.79 16.02
CA THR C 112 11.30 -20.26 16.49
C THR C 112 11.78 -19.16 15.52
N TYR C 113 11.60 -17.89 15.91
CA TYR C 113 12.09 -16.74 15.12
C TYR C 113 13.59 -16.82 15.12
N VAL C 114 14.19 -16.31 14.05
CA VAL C 114 15.64 -16.19 13.99
C VAL C 114 16.00 -14.73 13.76
N ILE C 115 16.84 -14.17 14.64
CA ILE C 115 17.52 -12.90 14.34
C ILE C 115 18.91 -13.31 13.85
N LEU C 116 19.12 -13.15 12.57
CA LEU C 116 20.34 -13.56 11.93
C LEU C 116 21.22 -12.33 11.77
N THR C 117 22.42 -12.37 12.32
CA THR C 117 23.39 -11.29 12.00
C THR C 117 24.67 -11.86 11.42
N LEU C 118 25.19 -11.14 10.44
CA LEU C 118 26.33 -11.55 9.66
C LEU C 118 27.41 -10.46 9.83
N TRP C 119 28.65 -10.91 10.06
CA TRP C 119 29.77 -10.07 10.52
C TRP C 119 31.03 -10.40 9.74
N GLU C 120 31.93 -9.39 9.62
CA GLU C 120 33.18 -9.59 8.94
C GLU C 120 34.02 -10.61 9.74
N THR C 121 33.98 -10.53 11.07
CA THR C 121 34.78 -11.37 11.96
C THR C 121 34.03 -11.65 13.25
N GLU C 122 34.47 -12.67 13.98
CA GLU C 122 33.94 -12.95 15.32
C GLU C 122 34.16 -11.76 16.26
N ARG C 123 35.31 -11.12 16.13
CA ARG C 123 35.61 -9.97 16.96
C ARG C 123 34.56 -8.85 16.84
N ALA C 124 34.08 -8.61 15.62
CA ALA C 124 33.14 -7.52 15.39
C ALA C 124 31.84 -7.76 16.16
N PHE C 125 31.42 -9.03 16.21
CA PHE C 125 30.23 -9.34 16.96
C PHE C 125 30.51 -9.17 18.46
N GLN C 126 31.67 -9.65 18.90
CA GLN C 126 32.03 -9.53 20.32
C GLN C 126 32.08 -8.07 20.80
N ASP C 127 32.58 -7.18 19.95
CA ASP C 127 32.66 -5.76 20.25
C ASP C 127 31.25 -5.17 20.35
N TRP C 128 30.35 -5.66 19.51
CA TRP C 128 28.95 -5.19 19.56
C TRP C 128 28.30 -5.64 20.88
N GLN C 129 28.49 -6.90 21.23
CA GLN C 129 27.96 -7.54 22.45
C GLN C 129 28.39 -6.80 23.70
N GLN C 130 29.60 -6.27 23.69
CA GLN C 130 30.11 -5.55 24.86
C GLN C 130 29.81 -4.06 24.78
N SER C 131 29.00 -3.64 23.79
CA SER C 131 28.74 -2.22 23.61
C SER C 131 27.46 -1.73 24.28
N ASP C 132 27.29 -0.41 24.29
CA ASP C 132 26.06 0.22 24.73
C ASP C 132 24.91 -0.06 23.77
N SER C 133 25.22 -0.33 22.51
CA SER C 133 24.22 -0.56 21.47
C SER C 133 23.31 -1.69 21.86
N TYR C 134 23.87 -2.75 22.42
CA TYR C 134 22.98 -3.81 22.79
C TYR C 134 23.17 -4.37 24.19
N SER C 151 3.73 -14.51 29.63
CA SER C 151 4.93 -14.71 28.75
C SER C 151 4.56 -14.93 27.28
N ILE C 152 5.39 -14.42 26.40
CA ILE C 152 5.15 -14.64 24.97
C ILE C 152 6.13 -15.68 24.40
N PHE C 153 6.96 -16.28 25.25
CA PHE C 153 8.00 -17.20 24.76
C PHE C 153 7.65 -18.64 25.13
N SER C 154 7.74 -19.55 24.17
CA SER C 154 7.30 -20.92 24.45
C SER C 154 8.32 -21.80 25.14
N ARG C 155 9.60 -21.48 24.99
CA ARG C 155 10.68 -22.23 25.67
C ARG C 155 11.92 -21.30 25.61
N PRO C 156 13.01 -21.67 26.30
CA PRO C 156 14.12 -20.70 26.31
C PRO C 156 14.72 -20.43 24.91
N SER C 157 15.21 -19.21 24.73
CA SER C 157 15.97 -18.85 23.55
C SER C 157 17.38 -19.47 23.60
N TYR C 158 18.00 -19.60 22.43
CA TYR C 158 19.39 -20.12 22.41
C TYR C 158 20.09 -19.50 21.21
N VAL C 159 21.42 -19.49 21.26
CA VAL C 159 22.19 -18.83 20.20
C VAL C 159 23.02 -19.88 19.52
N THR C 160 23.12 -19.78 18.20
CA THR C 160 24.04 -20.67 17.43
C THR C 160 24.97 -19.78 16.62
N THR C 161 26.23 -20.22 16.47
CA THR C 161 27.18 -19.43 15.70
C THR C 161 27.86 -20.29 14.68
N TYR C 162 28.28 -19.62 13.60
CA TYR C 162 28.84 -20.31 12.42
C TYR C 162 29.98 -19.50 11.85
N PHE C 163 30.94 -20.20 11.27
CA PHE C 163 32.11 -19.55 10.69
C PHE C 163 32.18 -19.77 9.21
N ALA C 164 32.87 -18.87 8.50
CA ALA C 164 33.09 -19.06 7.08
C ALA C 164 33.87 -20.35 6.85
N VAL C 165 33.61 -20.98 5.72
CA VAL C 165 34.26 -22.22 5.33
C VAL C 165 35.53 -21.91 4.52
N MET D 1 -17.74 -19.31 13.16
CA MET D 1 -16.99 -18.86 11.96
C MET D 1 -17.71 -18.29 10.74
N LYS D 2 -18.81 -18.91 10.27
CA LYS D 2 -19.68 -18.22 9.31
C LYS D 2 -20.98 -17.92 9.99
N VAL D 3 -21.58 -16.81 9.58
CA VAL D 3 -22.99 -16.54 9.88
C VAL D 3 -23.65 -16.26 8.54
N TYR D 4 -24.84 -16.85 8.34
CA TYR D 4 -25.64 -16.51 7.19
C TYR D 4 -26.95 -15.89 7.62
N ILE D 5 -27.34 -14.83 6.89
CA ILE D 5 -28.56 -14.07 7.23
C ILE D 5 -29.46 -14.03 6.04
N THR D 6 -30.76 -14.19 6.27
CA THR D 6 -31.69 -13.84 5.20
C THR D 6 -32.91 -13.17 5.81
N TYR D 7 -33.71 -12.51 4.97
CA TYR D 7 -34.79 -11.66 5.44
C TYR D 7 -36.05 -12.04 4.68
N GLY D 8 -37.19 -11.83 5.32
CA GLY D 8 -38.45 -11.96 4.57
C GLY D 8 -39.59 -12.03 5.57
N THR D 9 -40.77 -12.35 5.08
CA THR D 9 -41.91 -12.49 5.99
C THR D 9 -41.67 -13.66 6.96
N ALA D 10 -42.08 -13.50 8.22
CA ALA D 10 -41.90 -14.57 9.19
C ALA D 10 -42.42 -15.92 8.72
N ASP D 11 -43.62 -15.95 8.13
CA ASP D 11 -44.19 -17.22 7.65
C ASP D 11 -43.39 -17.88 6.53
N PHE D 12 -42.83 -17.09 5.60
CA PHE D 12 -41.93 -17.66 4.57
C PHE D 12 -40.66 -18.23 5.23
N LEU D 13 -40.11 -17.49 6.20
CA LEU D 13 -38.82 -17.87 6.80
C LEU D 13 -39.00 -19.14 7.61
N LYS D 14 -40.18 -19.32 8.18
CA LYS D 14 -40.51 -20.61 8.82
C LYS D 14 -40.37 -21.83 7.91
N THR D 15 -40.64 -21.67 6.61
CA THR D 15 -40.49 -22.83 5.70
C THR D 15 -39.02 -23.22 5.62
N ILE D 16 -38.14 -22.23 5.65
CA ILE D 16 -36.71 -22.52 5.63
C ILE D 16 -36.28 -23.23 6.93
N VAL D 17 -36.77 -22.75 8.07
CA VAL D 17 -36.40 -23.34 9.35
C VAL D 17 -36.84 -24.81 9.34
N LYS D 18 -38.03 -25.06 8.80
CA LYS D 18 -38.56 -26.46 8.79
C LYS D 18 -37.74 -27.37 7.89
N LYS D 19 -37.22 -26.83 6.78
CA LYS D 19 -36.47 -27.61 5.80
C LYS D 19 -35.08 -28.01 6.29
N HIS D 20 -34.63 -27.45 7.42
CA HIS D 20 -33.28 -27.70 7.91
C HIS D 20 -33.29 -27.98 9.40
N PRO D 21 -34.00 -29.08 9.81
CA PRO D 21 -34.29 -29.43 11.20
C PRO D 21 -33.00 -29.65 11.97
N SER D 22 -31.96 -30.06 11.26
CA SER D 22 -30.72 -30.41 11.91
C SER D 22 -29.76 -29.23 12.01
N GLU D 23 -30.17 -28.06 11.49
CA GLU D 23 -29.43 -26.82 11.73
C GLU D 23 -30.14 -25.97 12.79
N ASN D 24 -29.38 -25.21 13.57
CA ASN D 24 -29.98 -24.30 14.54
C ASN D 24 -30.05 -22.90 13.91
N ILE D 25 -31.26 -22.53 13.56
CA ILE D 25 -31.45 -21.26 12.87
C ILE D 25 -32.35 -20.46 13.76
N LEU D 26 -31.96 -19.20 13.99
CA LEU D 26 -32.71 -18.34 14.85
C LEU D 26 -33.65 -17.47 14.03
N LEU D 27 -34.93 -17.46 14.39
CA LEU D 27 -35.91 -16.61 13.67
C LEU D 27 -36.33 -15.48 14.63
N MET D 28 -36.27 -14.24 14.17
CA MET D 28 -36.70 -13.09 14.99
C MET D 28 -37.51 -12.11 14.11
N GLN D 29 -38.43 -11.39 14.75
CA GLN D 29 -39.37 -10.50 14.05
C GLN D 29 -38.97 -9.05 14.16
N GLY D 30 -39.04 -8.32 13.04
CA GLY D 30 -38.69 -6.89 12.98
C GLY D 30 -39.87 -6.03 12.54
N GLN D 31 -39.62 -4.73 12.44
CA GLN D 31 -40.69 -3.81 12.11
C GLN D 31 -41.08 -3.93 10.63
N GLU D 32 -40.08 -4.13 9.78
CA GLU D 32 -40.34 -4.20 8.32
C GLU D 32 -40.50 -5.65 7.85
N ASN D 33 -39.76 -6.55 8.47
CA ASN D 33 -39.72 -7.96 8.08
C ASN D 33 -39.05 -8.76 9.19
N ALA D 34 -38.92 -10.07 8.95
CA ALA D 34 -38.26 -10.99 9.88
C ALA D 34 -36.86 -11.34 9.35
N ILE D 35 -36.08 -11.94 10.23
CA ILE D 35 -34.69 -12.34 9.92
C ILE D 35 -34.49 -13.78 10.35
N LEU D 36 -33.66 -14.50 9.59
CA LEU D 36 -33.04 -15.75 10.10
C LEU D 36 -31.55 -15.55 10.25
N ILE D 37 -31.02 -16.09 11.34
CA ILE D 37 -29.60 -15.99 11.61
C ILE D 37 -29.13 -17.42 11.81
N HIS D 38 -28.19 -17.83 10.96
CA HIS D 38 -27.63 -19.18 10.98
C HIS D 38 -26.11 -19.13 11.19
N GLU D 39 -25.66 -19.57 12.36
CA GLU D 39 -24.23 -19.62 12.70
C GLU D 39 -23.73 -21.06 12.51
N THR D 40 -22.70 -21.22 11.67
CA THR D 40 -22.19 -22.53 11.35
C THR D 40 -20.78 -22.42 10.82
N SER D 41 -20.01 -23.49 10.96
CA SER D 41 -18.71 -23.51 10.30
C SER D 41 -18.88 -24.03 8.85
N GLY D 42 -20.09 -24.48 8.51
CA GLY D 42 -20.31 -25.19 7.27
C GLY D 42 -20.93 -24.31 6.19
N ASP D 43 -21.60 -24.97 5.23
CA ASP D 43 -22.28 -24.29 4.13
C ASP D 43 -23.62 -23.68 4.53
N THR D 44 -24.02 -22.67 3.77
CA THR D 44 -25.37 -22.10 3.94
C THR D 44 -26.42 -23.08 3.50
N VAL D 45 -27.61 -22.84 4.00
CA VAL D 45 -28.78 -23.60 3.70
C VAL D 45 -29.85 -22.61 3.16
N PHE D 46 -29.44 -21.37 2.93
CA PHE D 46 -30.38 -20.38 2.43
C PHE D 46 -30.14 -20.17 0.92
N GLN D 47 -31.21 -19.79 0.23
CA GLN D 47 -31.05 -19.30 -1.12
C GLN D 47 -30.64 -17.81 -1.04
N ALA D 48 -29.50 -17.54 -1.65
CA ALA D 48 -28.99 -16.19 -1.75
C ALA D 48 -28.89 -15.46 -0.38
N PRO D 49 -28.05 -15.99 0.54
CA PRO D 49 -27.97 -15.35 1.85
C PRO D 49 -27.10 -14.08 1.82
N HIS D 50 -27.11 -13.33 2.91
CA HIS D 50 -26.00 -12.46 3.22
C HIS D 50 -25.01 -13.32 3.96
N ALA D 51 -23.79 -13.50 3.43
CA ALA D 51 -22.81 -14.38 4.09
C ALA D 51 -21.74 -13.58 4.83
N TYR D 52 -21.37 -14.03 6.06
CA TYR D 52 -20.33 -13.34 6.84
C TYR D 52 -19.34 -14.29 7.47
N GLU D 53 -18.15 -13.76 7.76
CA GLU D 53 -17.19 -14.50 8.57
C GLU D 53 -17.14 -13.85 9.93
N VAL D 54 -17.08 -14.67 10.99
CA VAL D 54 -17.05 -14.09 12.32
C VAL D 54 -15.63 -13.70 12.71
N ILE D 55 -15.39 -12.42 12.98
CA ILE D 55 -14.02 -11.95 13.26
C ILE D 55 -13.84 -11.66 14.75
N ASP D 56 -14.95 -11.60 15.50
CA ASP D 56 -14.85 -11.54 16.96
C ASP D 56 -16.16 -12.01 17.55
N GLN D 57 -16.12 -12.64 18.72
CA GLN D 57 -17.33 -13.22 19.32
C GLN D 57 -17.18 -13.50 20.81
N VAL D 58 -18.28 -13.39 21.55
CA VAL D 58 -18.40 -13.88 22.94
C VAL D 58 -19.82 -14.45 23.04
N GLY D 59 -19.99 -15.54 23.79
CA GLY D 59 -21.35 -16.00 24.06
C GLY D 59 -21.91 -16.96 23.02
N GLU D 60 -22.96 -17.65 23.41
CA GLU D 60 -23.68 -18.60 22.55
C GLU D 60 -24.97 -17.97 22.08
N ILE D 61 -25.32 -18.30 20.83
CA ILE D 61 -26.58 -17.95 20.20
C ILE D 61 -27.51 -19.11 20.56
N LYS D 62 -28.47 -18.85 21.44
CA LYS D 62 -29.37 -19.89 21.89
C LYS D 62 -30.81 -19.42 21.67
N HIS D 63 -31.42 -18.85 22.71
CA HIS D 63 -32.80 -18.40 22.55
C HIS D 63 -32.97 -16.98 23.04
N PRO D 64 -32.30 -16.01 22.36
CA PRO D 64 -32.35 -14.64 22.82
C PRO D 64 -33.73 -14.04 22.67
N GLY D 65 -34.05 -13.08 23.53
CA GLY D 65 -35.26 -12.33 23.44
C GLY D 65 -35.22 -11.20 22.42
N PHE D 66 -34.02 -10.70 22.11
CA PHE D 66 -33.92 -9.45 21.34
C PHE D 66 -32.59 -9.47 20.62
N ALA D 67 -32.56 -9.01 19.37
CA ALA D 67 -31.33 -9.03 18.58
C ALA D 67 -31.18 -7.61 18.02
N VAL D 68 -29.97 -7.13 18.02
CA VAL D 68 -29.67 -5.82 17.44
C VAL D 68 -28.54 -5.94 16.46
N LEU D 69 -28.71 -5.32 15.29
CA LEU D 69 -27.65 -5.32 14.26
C LEU D 69 -27.24 -3.89 14.00
N ALA D 70 -25.96 -3.58 14.22
CA ALA D 70 -25.39 -2.31 13.82
C ALA D 70 -24.74 -2.56 12.46
N ASN D 71 -25.27 -1.91 11.42
CA ASN D 71 -24.94 -2.24 10.01
C ASN D 71 -24.06 -1.11 9.51
N ILE D 72 -22.76 -1.38 9.38
CA ILE D 72 -21.75 -0.35 9.26
C ILE D 72 -21.02 -0.63 7.94
N ALA D 73 -21.22 0.24 6.97
CA ALA D 73 -20.62 0.11 5.63
C ALA D 73 -19.21 0.63 5.63
N VAL D 74 -18.30 -0.19 5.10
CA VAL D 74 -16.86 0.14 5.20
C VAL D 74 -16.27 0.00 3.82
N THR D 75 -15.38 0.89 3.42
CA THR D 75 -14.79 0.81 2.08
C THR D 75 -13.80 -0.34 2.03
N GLN D 76 -13.49 -0.79 0.82
CA GLN D 76 -12.52 -1.87 0.67
C GLN D 76 -11.17 -1.50 1.33
N GLU D 77 -10.74 -0.24 1.11
CA GLU D 77 -9.47 0.24 1.64
C GLU D 77 -9.52 0.36 3.16
N GLY D 78 -10.71 0.59 3.72
CA GLY D 78 -10.92 0.78 5.16
C GLY D 78 -10.98 -0.51 5.98
N ARG D 79 -11.16 -1.64 5.28
CA ARG D 79 -11.48 -2.93 5.95
C ARG D 79 -10.40 -3.30 6.99
N PRO D 80 -9.09 -3.23 6.60
CA PRO D 80 -8.06 -3.63 7.58
C PRO D 80 -8.04 -2.75 8.82
N LEU D 81 -8.20 -1.44 8.62
CA LEU D 81 -8.19 -0.45 9.69
C LEU D 81 -9.40 -0.70 10.64
N PHE D 82 -10.59 -0.90 10.05
CA PHE D 82 -11.79 -1.19 10.80
C PHE D 82 -11.68 -2.51 11.56
N GLU D 83 -11.22 -3.57 10.90
CA GLU D 83 -11.15 -4.89 11.56
C GLU D 83 -10.15 -4.93 12.72
N ASN D 84 -9.07 -4.20 12.55
CA ASN D 84 -8.00 -4.14 13.54
C ASN D 84 -8.45 -3.63 14.88
N LYS D 85 -9.47 -2.76 14.86
CA LYS D 85 -9.94 -2.11 16.08
C LYS D 85 -10.61 -3.07 17.04
N PHE D 86 -11.13 -4.21 16.55
CA PHE D 86 -11.88 -5.11 17.44
C PHE D 86 -11.02 -5.82 18.49
N LYS D 87 -9.75 -6.02 18.16
CA LYS D 87 -8.78 -6.55 19.14
C LYS D 87 -8.69 -5.68 20.40
N ASN D 88 -8.90 -4.39 20.25
CA ASN D 88 -8.86 -3.45 21.37
C ASN D 88 -10.21 -2.89 21.85
N ARG D 89 -11.30 -3.61 21.56
CA ARG D 89 -12.62 -3.20 22.07
C ARG D 89 -12.67 -3.26 23.62
N ALA D 90 -13.54 -2.43 24.19
CA ALA D 90 -13.61 -2.29 25.63
C ALA D 90 -13.77 -3.62 26.37
N GLY D 91 -14.52 -4.56 25.77
CA GLY D 91 -14.93 -5.82 26.44
C GLY D 91 -15.82 -5.56 27.65
N LYS D 92 -16.63 -4.51 27.57
CA LYS D 92 -17.49 -4.14 28.67
C LYS D 92 -18.93 -4.57 28.41
N VAL D 93 -19.34 -4.64 27.15
CA VAL D 93 -20.72 -5.01 26.84
C VAL D 93 -21.15 -6.38 27.43
N GLU D 94 -20.23 -7.35 27.42
CA GLU D 94 -20.51 -8.67 27.95
C GLU D 94 -20.69 -8.70 29.48
N ASN D 95 -20.39 -7.59 30.16
CA ASN D 95 -20.69 -7.45 31.61
C ASN D 95 -22.08 -7.00 31.91
N GLU D 96 -22.84 -6.63 30.88
CA GLU D 96 -24.19 -6.13 31.11
C GLU D 96 -25.12 -7.20 31.54
N PRO D 97 -25.98 -6.85 32.51
CA PRO D 97 -27.15 -7.65 32.73
C PRO D 97 -27.91 -7.83 31.43
N GLY D 98 -28.24 -9.07 31.14
CA GLY D 98 -29.11 -9.40 30.04
C GLY D 98 -28.37 -9.64 28.74
N PHE D 99 -27.07 -9.35 28.72
CA PHE D 99 -26.32 -9.60 27.48
C PHE D 99 -26.21 -11.11 27.32
N GLU D 100 -26.35 -11.60 26.10
CA GLU D 100 -26.15 -13.00 25.79
C GLU D 100 -24.97 -13.25 24.87
N ALA D 101 -24.82 -12.49 23.79
CA ALA D 101 -23.78 -12.81 22.80
C ALA D 101 -23.44 -11.61 21.93
N ILE D 102 -22.23 -11.61 21.39
CA ILE D 102 -21.89 -10.67 20.34
C ILE D 102 -21.21 -11.41 19.18
N ARG D 103 -21.47 -10.93 17.96
CA ARG D 103 -20.75 -11.44 16.80
C ARG D 103 -20.37 -10.21 15.99
N VAL D 104 -19.09 -10.08 15.61
CA VAL D 104 -18.69 -9.02 14.73
C VAL D 104 -18.47 -9.68 13.36
N LEU D 105 -19.22 -9.25 12.35
CA LEU D 105 -19.35 -10.03 11.13
C LEU D 105 -18.75 -9.31 9.91
N ARG D 106 -17.78 -9.95 9.29
CA ARG D 106 -17.15 -9.40 8.06
C ARG D 106 -18.00 -9.84 6.88
N PRO D 107 -18.47 -8.89 6.06
CA PRO D 107 -19.38 -9.24 4.96
C PRO D 107 -18.63 -9.73 3.73
N LEU D 108 -19.17 -10.83 3.19
CA LEU D 108 -18.59 -11.40 1.99
C LEU D 108 -19.41 -11.13 0.71
N ASP D 109 -20.65 -10.64 0.85
CA ASP D 109 -21.56 -10.38 -0.27
C ASP D 109 -21.87 -8.88 -0.41
N SER D 110 -21.28 -8.07 0.46
CA SER D 110 -21.49 -6.58 0.42
C SER D 110 -20.34 -5.91 1.21
N ASP D 111 -20.42 -4.58 1.39
CA ASP D 111 -19.46 -3.85 2.17
C ASP D 111 -19.97 -3.55 3.59
N THR D 112 -21.10 -4.18 3.97
CA THR D 112 -21.76 -3.79 5.25
C THR D 112 -21.47 -4.77 6.37
N TYR D 113 -20.52 -4.38 7.25
CA TYR D 113 -20.21 -5.16 8.47
C TYR D 113 -21.44 -5.14 9.35
N VAL D 114 -21.58 -6.19 10.17
CA VAL D 114 -22.66 -6.21 11.16
C VAL D 114 -22.08 -6.45 12.52
N ILE D 115 -22.36 -5.55 13.46
CA ILE D 115 -22.14 -5.91 14.86
C ILE D 115 -23.47 -6.40 15.38
N LEU D 116 -23.54 -7.70 15.67
CA LEU D 116 -24.77 -8.36 16.12
C LEU D 116 -24.65 -8.60 17.64
N THR D 117 -25.62 -8.08 18.39
CA THR D 117 -25.68 -8.38 19.83
C THR D 117 -27.01 -9.05 20.13
N LEU D 118 -26.97 -10.06 21.01
CA LEU D 118 -28.15 -10.81 21.44
C LEU D 118 -28.34 -10.58 22.93
N TRP D 119 -29.60 -10.38 23.28
CA TRP D 119 -29.98 -9.98 24.63
C TRP D 119 -31.15 -10.79 25.14
N GLU D 120 -31.26 -10.90 26.47
CA GLU D 120 -32.36 -11.64 27.09
C GLU D 120 -33.71 -10.96 26.82
N THR D 121 -33.69 -9.63 26.84
CA THR D 121 -34.86 -8.82 26.62
C THR D 121 -34.49 -7.53 25.91
N GLU D 122 -35.49 -6.88 25.31
CA GLU D 122 -35.30 -5.55 24.78
C GLU D 122 -34.82 -4.56 25.86
N ARG D 123 -35.39 -4.69 27.07
CA ARG D 123 -34.96 -3.82 28.15
C ARG D 123 -33.46 -3.85 28.38
N ALA D 124 -32.88 -5.04 28.43
CA ALA D 124 -31.40 -5.14 28.66
C ALA D 124 -30.62 -4.35 27.62
N PHE D 125 -31.02 -4.46 26.33
CA PHE D 125 -30.37 -3.68 25.30
C PHE D 125 -30.57 -2.18 25.46
N GLN D 126 -31.81 -1.76 25.70
CA GLN D 126 -32.10 -0.33 25.85
C GLN D 126 -31.36 0.25 27.08
N ASP D 127 -31.29 -0.54 28.16
CA ASP D 127 -30.52 -0.12 29.36
C ASP D 127 -29.03 0.05 29.07
N TRP D 128 -28.46 -0.81 28.23
CA TRP D 128 -27.04 -0.64 27.89
C TRP D 128 -26.88 0.58 26.99
N GLN D 129 -27.72 0.68 25.96
CA GLN D 129 -27.57 1.70 24.93
C GLN D 129 -27.74 3.10 25.53
N GLN D 130 -28.71 3.24 26.43
CA GLN D 130 -29.00 4.52 27.02
C GLN D 130 -28.12 4.87 28.21
N SER D 131 -27.26 3.96 28.65
CA SER D 131 -26.34 4.27 29.73
C SER D 131 -25.14 5.01 29.14
N ASP D 132 -24.19 5.41 29.98
CA ASP D 132 -22.98 6.07 29.46
C ASP D 132 -21.86 5.08 29.08
N SER D 133 -22.18 3.77 29.12
CA SER D 133 -21.18 2.72 29.02
C SER D 133 -20.50 2.74 27.65
N TYR D 134 -21.30 2.92 26.60
CA TYR D 134 -20.77 2.88 25.23
C TYR D 134 -20.65 4.28 24.60
N SER D 151 -12.11 8.86 4.46
CA SER D 151 -13.00 8.06 5.28
C SER D 151 -12.93 6.59 4.92
N ILE D 152 -13.11 5.75 5.92
CA ILE D 152 -13.18 4.33 5.73
C ILE D 152 -14.61 3.86 5.60
N PHE D 153 -15.58 4.78 5.67
CA PHE D 153 -17.03 4.40 5.58
C PHE D 153 -17.63 4.76 4.25
N SER D 154 -18.39 3.83 3.65
CA SER D 154 -18.86 4.05 2.29
C SER D 154 -20.25 4.71 2.23
N ARG D 155 -21.01 4.56 3.31
CA ARG D 155 -22.34 5.22 3.46
C ARG D 155 -22.74 5.21 4.93
N PRO D 156 -23.82 5.93 5.29
CA PRO D 156 -24.15 5.93 6.73
C PRO D 156 -24.46 4.57 7.33
N SER D 157 -24.08 4.42 8.59
CA SER D 157 -24.46 3.23 9.41
C SER D 157 -25.95 3.29 9.81
N TYR D 158 -26.56 2.15 10.09
CA TYR D 158 -27.95 2.14 10.61
C TYR D 158 -28.16 0.92 11.48
N VAL D 159 -29.15 0.98 12.37
CA VAL D 159 -29.39 -0.10 13.32
C VAL D 159 -30.72 -0.73 13.00
N THR D 160 -30.77 -2.06 13.08
CA THR D 160 -32.03 -2.81 12.97
C THR D 160 -32.17 -3.67 14.21
N THR D 161 -33.41 -3.86 14.65
CA THR D 161 -33.69 -4.70 15.81
C THR D 161 -34.81 -5.70 15.55
N TYR D 162 -34.78 -6.82 16.28
CA TYR D 162 -35.69 -7.94 16.04
C TYR D 162 -36.00 -8.59 17.36
N PHE D 163 -37.21 -9.10 17.54
CA PHE D 163 -37.55 -9.76 18.79
C PHE D 163 -37.89 -11.22 18.60
N ALA D 164 -37.78 -12.01 19.66
CA ALA D 164 -38.13 -13.44 19.65
C ALA D 164 -39.60 -13.69 19.27
N VAL D 165 -39.82 -14.66 18.39
CA VAL D 165 -41.16 -14.93 17.82
C VAL D 165 -41.88 -15.96 18.68
N MET E 1 11.84 38.89 -29.90
CA MET E 1 13.04 39.66 -29.40
C MET E 1 13.36 39.18 -27.97
N LYS E 2 14.66 39.09 -27.66
CA LYS E 2 15.12 38.70 -26.34
C LYS E 2 15.97 39.82 -25.83
N VAL E 3 16.05 39.94 -24.51
CA VAL E 3 17.07 40.80 -23.94
C VAL E 3 17.89 39.92 -22.99
N TYR E 4 19.20 40.06 -23.05
CA TYR E 4 20.06 39.43 -22.10
C TYR E 4 20.73 40.49 -21.27
N ILE E 5 20.83 40.22 -19.97
CA ILE E 5 21.45 41.19 -19.07
C ILE E 5 22.55 40.46 -18.32
N THR E 6 23.66 41.13 -18.07
CA THR E 6 24.61 40.57 -17.09
C THR E 6 25.22 41.71 -16.29
N TYR E 7 25.79 41.36 -15.13
CA TYR E 7 26.31 42.40 -14.21
C TYR E 7 27.76 42.13 -13.88
N GLY E 8 28.50 43.16 -13.55
CA GLY E 8 29.87 42.92 -13.12
C GLY E 8 30.62 44.22 -13.09
N THR E 9 31.94 44.14 -12.94
CA THR E 9 32.76 45.37 -12.94
C THR E 9 32.71 46.06 -14.29
N ALA E 10 32.63 47.39 -14.31
CA ALA E 10 32.64 48.06 -15.62
C ALA E 10 33.84 47.68 -16.50
N ASP E 11 35.02 47.58 -15.90
CA ASP E 11 36.21 47.21 -16.67
C ASP E 11 36.13 45.83 -17.33
N PHE E 12 35.50 44.85 -16.67
CA PHE E 12 35.32 43.56 -17.33
C PHE E 12 34.25 43.67 -18.42
N LEU E 13 33.17 44.39 -18.12
CA LEU E 13 32.03 44.50 -19.07
C LEU E 13 32.42 45.25 -20.33
N LYS E 14 33.28 46.27 -20.18
CA LYS E 14 33.84 46.96 -21.37
C LYS E 14 34.56 46.02 -22.31
N THR E 15 35.19 44.98 -21.77
CA THR E 15 35.92 44.01 -22.61
C THR E 15 34.93 43.22 -23.46
N ILE E 16 33.75 42.93 -22.89
CA ILE E 16 32.70 42.22 -23.65
C ILE E 16 32.17 43.13 -24.75
N VAL E 17 31.89 44.39 -24.43
CA VAL E 17 31.41 45.32 -25.44
C VAL E 17 32.42 45.39 -26.60
N LYS E 18 33.71 45.44 -26.24
CA LYS E 18 34.76 45.57 -27.27
C LYS E 18 34.92 44.27 -28.07
N LYS E 19 34.63 43.14 -27.43
CA LYS E 19 34.70 41.85 -28.09
C LYS E 19 33.62 41.68 -29.17
N HIS E 20 32.50 42.35 -28.97
CA HIS E 20 31.32 42.14 -29.81
C HIS E 20 30.79 43.44 -30.41
N PRO E 21 31.65 44.16 -31.19
CA PRO E 21 31.24 45.45 -31.74
C PRO E 21 30.05 45.40 -32.68
N SER E 22 29.73 44.22 -33.26
CA SER E 22 28.64 44.19 -34.24
C SER E 22 27.28 44.20 -33.57
N GLU E 23 27.27 43.98 -32.25
CA GLU E 23 26.05 43.80 -31.45
C GLU E 23 25.74 45.07 -30.69
N ASN E 24 24.45 45.31 -30.48
CA ASN E 24 24.02 46.51 -29.74
C ASN E 24 23.98 46.17 -28.27
N ILE E 25 25.10 46.40 -27.58
CA ILE E 25 25.23 46.05 -26.16
C ILE E 25 25.39 47.35 -25.39
N LEU E 26 24.43 47.65 -24.52
CA LEU E 26 24.52 48.89 -23.77
C LEU E 26 25.15 48.65 -22.40
N LEU E 27 26.20 49.42 -22.11
CA LEU E 27 26.88 49.38 -20.80
C LEU E 27 26.50 50.62 -20.01
N MET E 28 26.02 50.39 -18.76
CA MET E 28 25.67 51.49 -17.85
C MET E 28 26.26 51.19 -16.46
N GLN E 29 26.53 52.22 -15.65
CA GLN E 29 27.16 52.07 -14.34
C GLN E 29 26.19 52.27 -13.19
N GLY E 30 26.12 51.30 -12.30
CA GLY E 30 25.28 51.40 -11.10
C GLY E 30 26.10 51.49 -9.82
N GLN E 31 25.37 51.54 -8.69
CA GLN E 31 26.01 51.72 -7.41
C GLN E 31 26.82 50.49 -6.97
N GLU E 32 26.24 49.29 -7.13
CA GLU E 32 26.94 48.05 -6.72
C GLU E 32 27.93 47.56 -7.81
N ASN E 33 27.53 47.75 -9.08
CA ASN E 33 28.25 47.21 -10.23
C ASN E 33 27.69 47.86 -11.47
N ALA E 34 28.22 47.43 -12.60
CA ALA E 34 27.75 47.83 -13.92
C ALA E 34 26.85 46.76 -14.53
N ILE E 35 26.16 47.16 -15.60
CA ILE E 35 25.18 46.29 -16.26
C ILE E 35 25.48 46.30 -17.77
N LEU E 36 25.29 45.16 -18.44
CA LEU E 36 25.17 45.17 -19.93
C LEU E 36 23.78 44.72 -20.27
N ILE E 37 23.15 45.42 -21.22
CA ILE E 37 21.83 45.08 -21.73
C ILE E 37 21.98 44.86 -23.22
N HIS E 38 21.67 43.64 -23.67
CA HIS E 38 21.83 43.25 -25.07
C HIS E 38 20.48 42.81 -25.62
N GLU E 39 19.90 43.61 -26.51
CA GLU E 39 18.66 43.17 -27.19
C GLU E 39 18.98 42.52 -28.51
N THR E 40 18.43 41.32 -28.74
CA THR E 40 18.74 40.60 -29.99
C THR E 40 17.66 39.56 -30.30
N SER E 41 17.51 39.22 -31.59
CA SER E 41 16.69 38.06 -31.93
C SER E 41 17.51 36.79 -31.78
N GLY E 42 18.84 36.93 -31.67
CA GLY E 42 19.76 35.80 -31.72
C GLY E 42 20.23 35.32 -30.35
N ASP E 43 21.39 34.68 -30.34
CA ASP E 43 21.92 34.06 -29.11
C ASP E 43 22.65 35.05 -28.23
N THR E 44 22.82 34.69 -26.95
CA THR E 44 23.57 35.55 -26.05
C THR E 44 25.06 35.50 -26.36
N VAL E 45 25.78 36.51 -25.89
CA VAL E 45 27.22 36.62 -25.91
C VAL E 45 27.80 36.61 -24.49
N PHE E 46 26.93 36.43 -23.50
CA PHE E 46 27.36 36.44 -22.13
C PHE E 46 27.49 35.04 -21.59
N GLN E 47 28.41 34.83 -20.65
CA GLN E 47 28.38 33.58 -19.88
C GLN E 47 27.32 33.73 -18.80
N ALA E 48 26.40 32.77 -18.78
CA ALA E 48 25.28 32.74 -17.82
C ALA E 48 24.53 34.09 -17.66
N PRO E 49 23.85 34.51 -18.72
CA PRO E 49 23.16 35.78 -18.65
C PRO E 49 21.87 35.61 -17.83
N HIS E 50 21.25 36.72 -17.49
CA HIS E 50 19.80 36.73 -17.19
C HIS E 50 19.10 36.90 -18.52
N ALA E 51 18.29 35.90 -18.90
CA ALA E 51 17.61 36.00 -20.20
C ALA E 51 16.13 36.41 -20.03
N TYR E 52 15.62 37.22 -20.97
CA TYR E 52 14.21 37.66 -20.92
C TYR E 52 13.59 37.64 -22.28
N GLU E 53 12.28 37.38 -22.33
CA GLU E 53 11.50 37.66 -23.57
C GLU E 53 10.92 39.05 -23.49
N VAL E 54 11.02 39.79 -24.59
CA VAL E 54 10.43 41.14 -24.65
C VAL E 54 8.91 41.04 -24.80
N ILE E 55 8.14 41.50 -23.82
CA ILE E 55 6.67 41.43 -23.98
C ILE E 55 6.02 42.79 -24.31
N ASP E 56 6.77 43.87 -24.19
CA ASP E 56 6.29 45.17 -24.73
C ASP E 56 7.50 46.04 -24.93
N GLN E 57 7.48 46.88 -25.97
CA GLN E 57 8.66 47.68 -26.29
C GLN E 57 8.24 48.92 -27.05
N VAL E 58 8.92 50.03 -26.75
CA VAL E 58 8.80 51.26 -27.51
C VAL E 58 10.17 51.90 -27.47
N GLY E 59 10.60 52.49 -28.58
CA GLY E 59 11.89 53.20 -28.54
C GLY E 59 13.08 52.32 -28.87
N GLU E 60 14.15 52.94 -29.38
CA GLU E 60 15.41 52.24 -29.64
C GLU E 60 16.32 52.30 -28.42
N ILE E 61 17.11 51.24 -28.23
CA ILE E 61 18.15 51.23 -27.21
C ILE E 61 19.41 51.75 -27.92
N LYS E 62 19.86 52.96 -27.56
CA LYS E 62 21.01 53.58 -28.23
C LYS E 62 22.03 54.11 -27.21
N HIS E 63 22.00 55.42 -26.94
CA HIS E 63 22.95 56.02 -26.00
C HIS E 63 22.31 56.79 -24.85
N PRO E 64 21.43 56.13 -24.08
CA PRO E 64 20.77 56.89 -23.00
C PRO E 64 21.72 57.40 -21.92
N GLY E 65 21.32 58.49 -21.25
CA GLY E 65 22.09 59.02 -20.11
C GLY E 65 21.85 58.26 -18.80
N PHE E 66 20.68 57.64 -18.72
CA PHE E 66 20.18 57.09 -17.46
C PHE E 66 19.23 55.94 -17.72
N ALA E 67 19.32 54.90 -16.88
CA ALA E 67 18.46 53.69 -16.96
C ALA E 67 17.86 53.41 -15.60
N VAL E 68 16.58 53.00 -15.57
CA VAL E 68 15.93 52.61 -14.33
C VAL E 68 15.32 51.25 -14.59
N LEU E 69 15.58 50.33 -13.67
CA LEU E 69 14.98 49.00 -13.75
C LEU E 69 14.06 48.82 -12.54
N ALA E 70 12.78 48.53 -12.78
CA ALA E 70 11.94 48.08 -11.70
C ALA E 70 12.03 46.56 -11.71
N ASN E 71 12.44 45.98 -10.61
CA ASN E 71 12.69 44.52 -10.50
C ASN E 71 11.60 43.90 -9.65
N ILE E 72 10.65 43.22 -10.30
CA ILE E 72 9.38 42.86 -9.67
C ILE E 72 9.28 41.37 -9.67
N ALA E 73 9.35 40.74 -8.49
CA ALA E 73 9.32 39.27 -8.37
C ALA E 73 7.88 38.81 -8.32
N VAL E 74 7.52 37.90 -9.22
CA VAL E 74 6.14 37.51 -9.41
C VAL E 74 6.07 36.00 -9.28
N THR E 75 5.08 35.48 -8.55
CA THR E 75 4.91 34.02 -8.44
C THR E 75 4.50 33.39 -9.79
N GLN E 76 4.76 32.09 -9.90
CA GLN E 76 4.43 31.36 -11.10
C GLN E 76 2.95 31.56 -11.36
N GLU E 77 2.17 31.54 -10.28
CA GLU E 77 0.72 31.58 -10.37
C GLU E 77 0.27 32.97 -10.84
N GLY E 78 1.06 33.97 -10.47
CA GLY E 78 0.73 35.40 -10.73
C GLY E 78 1.10 35.90 -12.12
N ARG E 79 1.89 35.11 -12.83
CA ARG E 79 2.39 35.54 -14.14
C ARG E 79 1.28 36.00 -15.14
N PRO E 80 0.24 35.17 -15.35
CA PRO E 80 -0.77 35.59 -16.34
C PRO E 80 -1.45 36.91 -16.00
N LEU E 81 -1.76 37.10 -14.72
CA LEU E 81 -2.47 38.30 -14.27
C LEU E 81 -1.58 39.52 -14.44
N PHE E 82 -0.33 39.36 -14.00
CA PHE E 82 0.64 40.42 -14.08
C PHE E 82 0.87 40.81 -15.53
N GLU E 83 1.15 39.83 -16.41
CA GLU E 83 1.40 40.18 -17.81
C GLU E 83 0.20 40.82 -18.50
N ASN E 84 -1.00 40.34 -18.17
CA ASN E 84 -2.22 40.92 -18.73
C ASN E 84 -2.40 42.43 -18.45
N LYS E 85 -1.95 42.90 -17.28
CA LYS E 85 -2.04 44.34 -16.98
C LYS E 85 -1.29 45.23 -17.96
N PHE E 86 -0.23 44.73 -18.58
CA PHE E 86 0.55 45.58 -19.50
C PHE E 86 -0.11 45.93 -20.82
N LYS E 87 -1.08 45.16 -21.28
CA LYS E 87 -1.75 45.52 -22.53
C LYS E 87 -2.60 46.73 -22.31
N ASN E 88 -2.81 47.03 -21.03
CA ASN E 88 -3.70 48.09 -20.60
C ASN E 88 -2.96 49.22 -19.88
N ARG E 89 -1.64 49.25 -20.04
CA ARG E 89 -0.84 50.35 -19.53
C ARG E 89 -1.23 51.67 -20.21
N ALA E 90 -1.12 52.74 -19.43
CA ALA E 90 -1.45 54.09 -19.88
C ALA E 90 -0.84 54.52 -21.22
N GLY E 91 0.36 54.00 -21.52
CA GLY E 91 1.08 54.43 -22.73
C GLY E 91 1.51 55.90 -22.72
N LYS E 92 1.62 56.48 -21.53
CA LYS E 92 2.01 57.90 -21.43
C LYS E 92 3.52 58.14 -21.26
N VAL E 93 4.22 57.20 -20.65
CA VAL E 93 5.65 57.39 -20.40
C VAL E 93 6.42 57.69 -21.68
N GLU E 94 6.10 56.99 -22.78
CA GLU E 94 6.84 57.13 -24.04
C GLU E 94 6.68 58.50 -24.68
N ASN E 95 5.69 59.26 -24.21
CA ASN E 95 5.50 60.62 -24.72
C ASN E 95 6.00 61.71 -23.79
N GLU E 96 6.77 61.32 -22.77
CA GLU E 96 7.41 62.26 -21.85
C GLU E 96 8.71 62.81 -22.44
N PRO E 97 9.04 64.08 -22.14
CA PRO E 97 10.30 64.63 -22.65
C PRO E 97 11.49 63.88 -22.07
N GLY E 98 12.52 63.68 -22.90
CA GLY E 98 13.70 62.90 -22.48
C GLY E 98 13.54 61.39 -22.46
N PHE E 99 12.32 60.89 -22.63
CA PHE E 99 12.12 59.45 -22.80
C PHE E 99 12.85 58.92 -24.02
N GLU E 100 13.52 57.77 -23.84
CA GLU E 100 14.12 57.11 -24.97
C GLU E 100 13.52 55.73 -25.28
N ALA E 101 13.35 54.87 -24.26
CA ALA E 101 12.83 53.55 -24.53
C ALA E 101 12.23 52.90 -23.30
N ILE E 102 11.33 51.98 -23.53
CA ILE E 102 10.85 51.08 -22.49
C ILE E 102 10.93 49.64 -23.02
N ARG E 103 11.29 48.73 -22.12
CA ARG E 103 11.15 47.31 -22.36
C ARG E 103 10.47 46.68 -21.15
N VAL E 104 9.40 45.92 -21.40
CA VAL E 104 8.85 45.07 -20.31
C VAL E 104 9.36 43.65 -20.56
N LEU E 105 10.03 43.10 -19.55
CA LEU E 105 10.82 41.89 -19.69
C LEU E 105 10.36 40.70 -18.88
N ARG E 106 9.97 39.64 -19.60
CA ARG E 106 9.55 38.38 -18.96
C ARG E 106 10.80 37.56 -18.64
N PRO E 107 11.02 37.22 -17.36
CA PRO E 107 12.22 36.49 -17.01
C PRO E 107 12.15 35.00 -17.33
N LEU E 108 13.20 34.49 -17.97
CA LEU E 108 13.26 33.07 -18.24
C LEU E 108 14.18 32.25 -17.30
N ASP E 109 15.03 32.93 -16.53
CA ASP E 109 15.99 32.25 -15.64
C ASP E 109 15.67 32.55 -14.17
N SER E 110 14.62 33.34 -13.95
CA SER E 110 14.18 33.67 -12.58
C SER E 110 12.72 34.07 -12.56
N ASP E 111 12.25 34.59 -11.42
CA ASP E 111 10.88 35.02 -11.30
C ASP E 111 10.78 36.52 -11.31
N THR E 112 11.90 37.19 -11.60
CA THR E 112 11.91 38.65 -11.42
C THR E 112 11.75 39.38 -12.75
N TYR E 113 10.55 39.88 -12.99
CA TYR E 113 10.32 40.76 -14.14
C TYR E 113 11.11 42.06 -14.04
N VAL E 114 11.40 42.63 -15.21
CA VAL E 114 12.09 43.92 -15.23
C VAL E 114 11.28 44.87 -16.10
N ILE E 115 10.92 46.04 -15.57
CA ILE E 115 10.43 47.10 -16.43
C ILE E 115 11.62 48.05 -16.59
N LEU E 116 12.17 48.12 -17.81
CA LEU E 116 13.35 48.90 -18.10
C LEU E 116 12.95 50.18 -18.79
N THR E 117 13.33 51.31 -18.19
CA THR E 117 13.19 52.55 -18.95
C THR E 117 14.51 53.26 -19.15
N LEU E 118 14.67 53.80 -20.35
CA LEU E 118 15.87 54.51 -20.72
C LEU E 118 15.55 55.97 -21.00
N TRP E 119 16.43 56.87 -20.50
CA TRP E 119 16.14 58.33 -20.51
C TRP E 119 17.36 59.08 -20.96
N GLU E 120 17.13 60.25 -21.56
CA GLU E 120 18.22 61.12 -21.91
C GLU E 120 19.05 61.55 -20.67
N THR E 121 18.39 61.88 -19.56
CA THR E 121 19.07 62.34 -18.34
C THR E 121 18.31 61.83 -17.13
N GLU E 122 18.98 61.77 -15.98
CA GLU E 122 18.31 61.51 -14.71
C GLU E 122 17.14 62.49 -14.46
N ARG E 123 17.37 63.77 -14.78
CA ARG E 123 16.35 64.79 -14.55
C ARG E 123 15.07 64.44 -15.30
N ALA E 124 15.20 63.88 -16.50
CA ALA E 124 14.02 63.55 -17.33
C ALA E 124 13.21 62.50 -16.61
N PHE E 125 13.90 61.52 -16.01
CA PHE E 125 13.22 60.50 -15.27
C PHE E 125 12.56 61.09 -14.03
N GLN E 126 13.29 61.95 -13.33
CA GLN E 126 12.77 62.65 -12.13
C GLN E 126 11.52 63.48 -12.40
N ASP E 127 11.46 64.14 -13.55
CA ASP E 127 10.30 64.91 -14.00
C ASP E 127 9.06 64.06 -14.26
N TRP E 128 9.27 62.87 -14.82
CA TRP E 128 8.16 61.96 -15.10
C TRP E 128 7.59 61.43 -13.80
N GLN E 129 8.49 61.08 -12.89
CA GLN E 129 8.22 60.56 -11.56
C GLN E 129 7.18 61.38 -10.79
N GLN E 130 7.42 62.69 -10.72
CA GLN E 130 6.60 63.61 -9.93
C GLN E 130 5.38 64.14 -10.70
N SER E 131 5.27 63.76 -11.97
CA SER E 131 4.14 64.19 -12.80
C SER E 131 2.90 63.29 -12.65
N ASP E 132 1.82 63.67 -13.34
CA ASP E 132 0.54 62.96 -13.31
C ASP E 132 0.59 61.56 -13.89
N SER E 133 1.44 61.34 -14.88
CA SER E 133 1.39 60.09 -15.62
C SER E 133 1.66 58.83 -14.77
N TYR E 134 2.33 58.99 -13.62
CA TYR E 134 2.62 57.85 -12.74
C TYR E 134 2.88 58.25 -11.28
N THR E 150 -4.61 35.62 -2.89
CA THR E 150 -3.23 35.59 -2.40
C THR E 150 -2.35 36.55 -3.22
N SER E 151 -1.21 36.94 -2.65
CA SER E 151 -0.31 37.86 -3.34
C SER E 151 0.37 37.21 -4.56
N ILE E 152 0.44 37.97 -5.66
CA ILE E 152 1.17 37.50 -6.84
C ILE E 152 2.67 37.76 -6.73
N PHE E 153 3.13 38.34 -5.63
CA PHE E 153 4.55 38.73 -5.53
C PHE E 153 5.31 37.82 -4.57
N SER E 154 6.47 37.30 -5.02
CA SER E 154 7.20 36.32 -4.24
C SER E 154 8.15 36.98 -3.20
N ARG E 155 8.59 38.19 -3.48
CA ARG E 155 9.30 38.96 -2.47
C ARG E 155 9.22 40.44 -2.90
N PRO E 156 9.66 41.37 -2.03
CA PRO E 156 9.44 42.78 -2.33
C PRO E 156 10.06 43.22 -3.65
N SER E 157 9.40 44.14 -4.33
CA SER E 157 10.08 44.75 -5.49
C SER E 157 11.22 45.72 -5.08
N TYR E 158 12.11 46.02 -6.02
CA TYR E 158 13.13 47.04 -5.78
C TYR E 158 13.57 47.70 -7.09
N VAL E 159 14.22 48.85 -6.95
CA VAL E 159 14.60 49.65 -8.12
C VAL E 159 16.09 49.78 -8.13
N THR E 160 16.67 49.65 -9.31
CA THR E 160 18.09 49.89 -9.52
C THR E 160 18.24 50.96 -10.62
N THR E 161 19.24 51.83 -10.49
CA THR E 161 19.45 52.87 -11.53
C THR E 161 20.89 52.86 -12.02
N TYR E 162 21.11 53.35 -13.26
CA TYR E 162 22.43 53.23 -13.87
C TYR E 162 22.67 54.46 -14.74
N PHE E 163 23.92 54.86 -14.83
CA PHE E 163 24.31 56.08 -15.56
C PHE E 163 25.15 55.70 -16.77
N ALA E 164 25.08 56.52 -17.82
CA ALA E 164 25.96 56.32 -18.96
C ALA E 164 27.44 56.36 -18.56
N VAL E 165 28.25 55.58 -19.29
CA VAL E 165 29.69 55.43 -19.04
C VAL E 165 30.42 56.15 -20.19
N GLU E 166 31.38 57.00 -19.84
CA GLU E 166 32.14 57.82 -20.80
C GLU E 166 31.20 58.51 -21.81
N MET F 1 -13.06 -22.59 15.48
CA MET F 1 -11.96 -21.89 14.81
C MET F 1 -10.54 -22.06 15.34
N LYS F 2 -10.28 -22.00 16.66
CA LYS F 2 -8.96 -22.42 17.18
C LYS F 2 -9.11 -23.67 18.01
N VAL F 3 -8.07 -24.50 17.97
CA VAL F 3 -7.93 -25.58 18.92
C VAL F 3 -6.53 -25.42 19.53
N TYR F 4 -6.45 -25.52 20.85
CA TYR F 4 -5.16 -25.56 21.54
C TYR F 4 -4.98 -26.91 22.20
N ILE F 5 -3.77 -27.44 22.08
CA ILE F 5 -3.46 -28.74 22.64
C ILE F 5 -2.24 -28.62 23.55
N THR F 6 -2.27 -29.32 24.66
CA THR F 6 -1.04 -29.45 25.41
C THR F 6 -0.95 -30.89 25.94
N TYR F 7 0.24 -31.28 26.39
CA TYR F 7 0.51 -32.64 26.77
C TYR F 7 1.16 -32.68 28.15
N GLY F 8 0.92 -33.76 28.89
CA GLY F 8 1.73 -33.94 30.10
C GLY F 8 1.06 -35.04 30.93
N THR F 9 1.52 -35.20 32.14
CA THR F 9 0.90 -36.21 33.00
C THR F 9 -0.56 -35.85 33.26
N ALA F 10 -1.44 -36.86 33.33
CA ALA F 10 -2.84 -36.58 33.61
C ALA F 10 -3.04 -35.67 34.82
N ASP F 11 -2.33 -35.95 35.91
CA ASP F 11 -2.56 -35.19 37.14
C ASP F 11 -2.10 -33.75 37.05
N PHE F 12 -1.01 -33.49 36.33
CA PHE F 12 -0.62 -32.08 36.04
C PHE F 12 -1.69 -31.38 35.18
N LEU F 13 -2.24 -32.12 34.22
CA LEU F 13 -3.17 -31.51 33.25
C LEU F 13 -4.47 -31.19 33.94
N LYS F 14 -4.80 -31.99 34.95
CA LYS F 14 -6.00 -31.69 35.79
C LYS F 14 -5.96 -30.37 36.51
N THR F 15 -4.78 -29.93 36.93
CA THR F 15 -4.65 -28.58 37.54
C THR F 15 -5.02 -27.48 36.55
N ILE F 16 -4.73 -27.72 35.27
CA ILE F 16 -5.08 -26.75 34.22
C ILE F 16 -6.60 -26.73 34.01
N VAL F 17 -7.20 -27.91 33.96
CA VAL F 17 -8.65 -28.01 33.76
C VAL F 17 -9.35 -27.27 34.90
N LYS F 18 -8.81 -27.42 36.10
CA LYS F 18 -9.49 -26.82 37.26
C LYS F 18 -9.39 -25.29 37.23
N LYS F 19 -8.29 -24.79 36.69
CA LYS F 19 -8.03 -23.34 36.71
C LYS F 19 -8.85 -22.58 35.68
N HIS F 20 -9.58 -23.29 34.84
CA HIS F 20 -10.35 -22.69 33.74
C HIS F 20 -11.72 -23.32 33.67
N PRO F 21 -12.47 -23.23 34.80
CA PRO F 21 -13.77 -23.89 35.00
C PRO F 21 -14.74 -23.46 33.95
N SER F 22 -14.59 -22.24 33.45
CA SER F 22 -15.56 -21.72 32.51
C SER F 22 -15.21 -22.08 31.08
N GLU F 23 -14.11 -22.82 30.85
CA GLU F 23 -13.78 -23.36 29.53
C GLU F 23 -14.05 -24.89 29.40
N ASN F 24 -14.42 -25.34 28.21
CA ASN F 24 -14.63 -26.76 27.95
C ASN F 24 -13.36 -27.38 27.37
N ILE F 25 -12.69 -28.11 28.24
CA ILE F 25 -11.39 -28.63 27.90
C ILE F 25 -11.49 -30.11 28.11
N LEU F 26 -11.08 -30.85 27.09
CA LEU F 26 -11.21 -32.28 27.10
C LEU F 26 -9.90 -32.90 27.54
N LEU F 27 -9.94 -33.75 28.55
CA LEU F 27 -8.71 -34.43 28.96
C LEU F 27 -8.81 -35.92 28.56
N MET F 28 -7.78 -36.44 27.91
CA MET F 28 -7.77 -37.89 27.54
C MET F 28 -6.40 -38.50 27.83
N GLN F 29 -6.37 -39.80 28.09
CA GLN F 29 -5.14 -40.47 28.52
C GLN F 29 -4.55 -41.29 27.40
N GLY F 30 -3.24 -41.20 27.22
CA GLY F 30 -2.54 -41.96 26.17
C GLY F 30 -1.48 -42.89 26.76
N GLN F 31 -0.77 -43.58 25.88
CA GLN F 31 0.24 -44.55 26.32
C GLN F 31 1.45 -43.84 26.92
N GLU F 32 1.83 -42.70 26.40
CA GLU F 32 3.05 -42.09 26.93
C GLU F 32 2.74 -40.95 27.89
N ASN F 33 1.57 -40.34 27.71
CA ASN F 33 1.19 -39.15 28.44
C ASN F 33 -0.26 -38.84 28.10
N ALA F 34 -0.78 -37.81 28.73
CA ALA F 34 -2.16 -37.36 28.53
C ALA F 34 -2.18 -36.10 27.67
N ILE F 35 -3.36 -35.78 27.19
CA ILE F 35 -3.58 -34.60 26.33
C ILE F 35 -4.73 -33.77 26.88
N LEU F 36 -4.62 -32.45 26.68
CA LEU F 36 -5.78 -31.57 26.75
C LEU F 36 -6.09 -31.00 25.39
N ILE F 37 -7.38 -30.94 25.09
CA ILE F 37 -7.83 -30.37 23.84
C ILE F 37 -8.86 -29.29 24.18
N HIS F 38 -8.56 -28.08 23.74
CA HIS F 38 -9.44 -26.92 24.01
C HIS F 38 -9.84 -26.28 22.68
N GLU F 39 -11.13 -26.40 22.33
CA GLU F 39 -11.70 -25.76 21.12
C GLU F 39 -12.38 -24.46 21.54
N THR F 40 -12.00 -23.37 20.88
CA THR F 40 -12.51 -22.04 21.22
C THR F 40 -12.25 -21.08 20.09
N SER F 41 -13.10 -20.05 19.99
CA SER F 41 -12.82 -18.95 19.09
C SER F 41 -11.87 -17.94 19.74
N GLY F 42 -11.62 -18.10 21.05
CA GLY F 42 -10.90 -17.10 21.82
C GLY F 42 -9.44 -17.46 22.04
N ASP F 43 -8.85 -16.88 23.10
CA ASP F 43 -7.44 -17.09 23.44
C ASP F 43 -7.17 -18.37 24.18
N THR F 44 -5.93 -18.84 24.07
CA THR F 44 -5.53 -20.01 24.87
C THR F 44 -5.49 -19.72 26.35
N VAL F 45 -5.64 -20.79 27.10
CA VAL F 45 -5.59 -20.79 28.55
C VAL F 45 -4.36 -21.65 28.98
N PHE F 46 -3.60 -22.16 28.00
CA PHE F 46 -2.45 -22.99 28.29
C PHE F 46 -1.15 -22.20 28.23
N GLN F 47 -0.19 -22.63 29.03
CA GLN F 47 1.18 -22.17 28.88
C GLN F 47 1.82 -22.96 27.72
N ALA F 48 2.26 -22.21 26.73
CA ALA F 48 2.97 -22.80 25.60
C ALA F 48 2.24 -23.97 24.91
N PRO F 49 1.03 -23.69 24.38
CA PRO F 49 0.24 -24.74 23.70
C PRO F 49 0.80 -25.03 22.30
N HIS F 50 0.32 -26.09 21.71
CA HIS F 50 0.30 -26.21 20.28
C HIS F 50 -0.97 -25.56 19.83
N ALA F 51 -0.86 -24.50 19.02
CA ALA F 51 -2.06 -23.75 18.55
C ALA F 51 -2.42 -24.14 17.12
N TYR F 52 -3.73 -24.27 16.84
CA TYR F 52 -4.19 -24.62 15.50
C TYR F 52 -5.41 -23.82 15.10
N GLU F 53 -5.60 -23.70 13.80
CA GLU F 53 -6.82 -23.14 13.24
C GLU F 53 -7.60 -24.27 12.61
N VAL F 54 -8.93 -24.27 12.82
CA VAL F 54 -9.75 -25.36 12.30
C VAL F 54 -10.09 -25.05 10.84
N ILE F 55 -9.61 -25.86 9.91
CA ILE F 55 -9.91 -25.62 8.50
C ILE F 55 -11.02 -26.52 7.94
N ASP F 56 -11.38 -27.60 8.67
CA ASP F 56 -12.61 -28.37 8.30
C ASP F 56 -13.10 -29.07 9.54
N GLN F 57 -14.42 -29.25 9.69
CA GLN F 57 -14.97 -29.85 10.90
C GLN F 57 -16.39 -30.35 10.70
N VAL F 58 -16.69 -31.42 11.39
CA VAL F 58 -18.07 -31.88 11.55
C VAL F 58 -18.23 -32.36 12.99
N GLY F 59 -19.41 -32.13 13.56
CA GLY F 59 -19.70 -32.73 14.86
C GLY F 59 -19.24 -31.90 16.07
N GLU F 60 -19.78 -32.25 17.23
CA GLU F 60 -19.47 -31.57 18.48
C GLU F 60 -18.44 -32.34 19.28
N ILE F 61 -17.53 -31.61 19.94
CA ILE F 61 -16.60 -32.17 20.92
C ILE F 61 -17.32 -32.12 22.27
N LYS F 62 -17.69 -33.28 22.80
CA LYS F 62 -18.44 -33.32 24.06
C LYS F 62 -17.73 -34.28 25.03
N HIS F 63 -18.18 -35.53 25.10
CA HIS F 63 -17.52 -36.46 26.01
C HIS F 63 -17.19 -37.74 25.26
N PRO F 64 -16.27 -37.63 24.28
CA PRO F 64 -15.95 -38.84 23.53
C PRO F 64 -15.26 -39.88 24.40
N GLY F 65 -15.36 -41.15 24.03
CA GLY F 65 -14.60 -42.18 24.69
C GLY F 65 -13.18 -42.35 24.17
N PHE F 66 -12.91 -41.88 22.94
CA PHE F 66 -11.64 -42.19 22.25
C PHE F 66 -11.29 -41.08 21.25
N ALA F 67 -10.00 -40.70 21.16
CA ALA F 67 -9.56 -39.59 20.29
C ALA F 67 -8.37 -40.16 19.53
N VAL F 68 -8.30 -39.83 18.26
CA VAL F 68 -7.21 -40.26 17.38
C VAL F 68 -6.70 -39.03 16.69
N LEU F 69 -5.36 -38.84 16.70
CA LEU F 69 -4.71 -37.72 16.00
C LEU F 69 -3.81 -38.31 14.92
N ALA F 70 -4.08 -37.96 13.65
CA ALA F 70 -3.15 -38.25 12.57
C ALA F 70 -2.29 -37.02 12.43
N ASN F 71 -0.98 -37.18 12.66
CA ASN F 71 -0.07 -36.03 12.80
C ASN F 71 0.78 -36.02 11.56
N ILE F 72 0.49 -35.06 10.68
CA ILE F 72 0.99 -35.11 9.30
C ILE F 72 1.82 -33.85 9.06
N ALA F 73 3.11 -34.03 8.92
CA ALA F 73 4.05 -32.92 8.71
C ALA F 73 4.05 -32.45 7.25
N VAL F 74 3.85 -31.15 7.03
CA VAL F 74 3.69 -30.67 5.64
C VAL F 74 4.67 -29.53 5.46
N THR F 75 5.31 -29.42 4.29
CA THR F 75 6.25 -28.33 4.07
C THR F 75 5.51 -27.00 3.88
N GLN F 76 6.24 -25.90 4.07
CA GLN F 76 5.63 -24.59 3.86
C GLN F 76 5.05 -24.49 2.43
N GLU F 77 5.78 -25.01 1.45
CA GLU F 77 5.38 -24.89 0.05
C GLU F 77 4.16 -25.79 -0.22
N GLY F 78 4.07 -26.88 0.55
CA GLY F 78 2.99 -27.90 0.40
C GLY F 78 1.65 -27.52 1.01
N ARG F 79 1.66 -26.52 1.89
CA ARG F 79 0.45 -26.21 2.72
C ARG F 79 -0.79 -25.96 1.85
N PRO F 80 -0.66 -25.12 0.81
CA PRO F 80 -1.89 -24.84 0.02
C PRO F 80 -2.42 -26.06 -0.70
N LEU F 81 -1.52 -26.87 -1.27
CA LEU F 81 -1.93 -28.13 -1.93
C LEU F 81 -2.62 -29.10 -0.94
N PHE F 82 -2.02 -29.29 0.24
CA PHE F 82 -2.59 -30.12 1.28
C PHE F 82 -3.95 -29.63 1.76
N GLU F 83 -4.05 -28.34 2.08
CA GLU F 83 -5.31 -27.80 2.61
C GLU F 83 -6.45 -27.87 1.60
N ASN F 84 -6.11 -27.64 0.34
CA ASN F 84 -7.11 -27.61 -0.72
C ASN F 84 -7.83 -28.92 -0.93
N LYS F 85 -7.17 -30.03 -0.57
CA LYS F 85 -7.79 -31.36 -0.69
C LYS F 85 -8.96 -31.61 0.23
N PHE F 86 -9.02 -30.91 1.36
CA PHE F 86 -10.08 -31.15 2.32
C PHE F 86 -11.46 -30.76 1.81
N LYS F 87 -11.51 -29.80 0.89
CA LYS F 87 -12.79 -29.48 0.22
C LYS F 87 -13.37 -30.71 -0.49
N ASN F 88 -12.50 -31.61 -0.94
CA ASN F 88 -12.92 -32.80 -1.67
C ASN F 88 -12.90 -34.12 -0.90
N ARG F 89 -12.78 -34.07 0.42
CA ARG F 89 -12.76 -35.32 1.20
C ARG F 89 -14.04 -36.14 0.98
N ALA F 90 -13.91 -37.46 1.09
CA ALA F 90 -15.03 -38.35 0.82
C ALA F 90 -16.31 -38.00 1.59
N GLY F 91 -16.16 -37.47 2.81
CA GLY F 91 -17.30 -37.21 3.72
C GLY F 91 -18.03 -38.48 4.14
N LYS F 92 -17.29 -39.57 4.25
CA LYS F 92 -17.87 -40.85 4.63
C LYS F 92 -17.59 -41.22 6.10
N VAL F 93 -16.50 -40.73 6.66
CA VAL F 93 -16.18 -41.06 8.05
C VAL F 93 -17.34 -40.67 9.03
N GLU F 94 -17.99 -39.54 8.78
CA GLU F 94 -19.14 -39.12 9.59
C GLU F 94 -20.34 -40.09 9.56
N ASN F 95 -20.40 -40.99 8.57
CA ASN F 95 -21.45 -42.04 8.52
C ASN F 95 -21.19 -43.29 9.35
N GLU F 96 -20.04 -43.34 10.01
CA GLU F 96 -19.69 -44.49 10.82
C GLU F 96 -20.45 -44.52 12.08
N PRO F 97 -20.92 -45.74 12.45
CA PRO F 97 -21.28 -46.04 13.81
C PRO F 97 -20.19 -45.58 14.74
N GLY F 98 -20.59 -44.76 15.71
CA GLY F 98 -19.71 -44.36 16.79
C GLY F 98 -18.89 -43.12 16.50
N PHE F 99 -18.94 -42.60 15.28
CA PHE F 99 -18.17 -41.37 15.01
C PHE F 99 -18.83 -40.22 15.77
N GLU F 100 -18.02 -39.30 16.31
CA GLU F 100 -18.57 -38.13 17.00
C GLU F 100 -18.19 -36.85 16.32
N ALA F 101 -16.89 -36.66 15.99
CA ALA F 101 -16.45 -35.38 15.44
C ALA F 101 -15.18 -35.53 14.65
N ILE F 102 -14.93 -34.59 13.76
CA ILE F 102 -13.63 -34.47 13.12
C ILE F 102 -13.21 -32.99 13.16
N ARG F 103 -11.91 -32.76 13.34
CA ARG F 103 -11.36 -31.43 13.20
C ARG F 103 -10.12 -31.61 12.34
N VAL F 104 -9.99 -30.84 11.26
CA VAL F 104 -8.75 -30.80 10.53
C VAL F 104 -8.02 -29.51 10.94
N LEU F 105 -6.81 -29.64 11.49
CA LEU F 105 -6.16 -28.57 12.21
C LEU F 105 -4.89 -28.09 11.50
N ARG F 106 -4.90 -26.81 11.16
CA ARG F 106 -3.72 -26.16 10.57
C ARG F 106 -2.80 -25.69 11.69
N PRO F 107 -1.55 -26.15 11.71
CA PRO F 107 -0.65 -25.79 12.83
C PRO F 107 -0.04 -24.40 12.67
N LEU F 108 -0.09 -23.66 13.80
CA LEU F 108 0.54 -22.36 13.83
C LEU F 108 1.88 -22.27 14.55
N ASP F 109 2.29 -23.33 15.25
CA ASP F 109 3.51 -23.33 16.04
C ASP F 109 4.47 -24.41 15.51
N SER F 110 4.00 -25.17 14.54
CA SER F 110 4.86 -26.20 13.89
C SER F 110 4.38 -26.44 12.45
N ASP F 111 4.95 -27.46 11.81
CA ASP F 111 4.57 -27.84 10.48
C ASP F 111 3.66 -29.07 10.49
N THR F 112 3.20 -29.46 11.68
CA THR F 112 2.47 -30.75 11.79
C THR F 112 0.97 -30.57 11.89
N TYR F 113 0.29 -30.82 10.77
CA TYR F 113 -1.19 -30.81 10.72
C TYR F 113 -1.71 -31.92 11.57
N VAL F 114 -2.92 -31.73 12.11
CA VAL F 114 -3.57 -32.81 12.87
C VAL F 114 -4.93 -33.08 12.32
N ILE F 115 -5.17 -34.34 11.94
CA ILE F 115 -6.55 -34.77 11.69
C ILE F 115 -6.99 -35.45 12.94
N LEU F 116 -7.89 -34.77 13.65
CA LEU F 116 -8.38 -35.22 14.93
C LEU F 116 -9.78 -35.82 14.72
N THR F 117 -9.95 -37.08 15.11
CA THR F 117 -11.27 -37.68 15.07
C THR F 117 -11.66 -38.12 16.49
N LEU F 118 -12.93 -37.90 16.85
CA LEU F 118 -13.45 -38.28 18.16
C LEU F 118 -14.54 -39.32 17.95
N TRP F 119 -14.51 -40.32 18.83
CA TRP F 119 -15.32 -41.54 18.71
C TRP F 119 -15.98 -41.92 20.03
N GLU F 120 -17.11 -42.62 19.96
CA GLU F 120 -17.78 -43.04 21.17
C GLU F 120 -16.91 -44.06 21.92
N THR F 121 -16.24 -44.92 21.17
CA THR F 121 -15.45 -45.99 21.73
C THR F 121 -14.24 -46.25 20.87
N GLU F 122 -13.24 -46.90 21.44
CA GLU F 122 -12.10 -47.35 20.65
C GLU F 122 -12.54 -48.32 19.53
N ARG F 123 -13.49 -49.19 19.89
CA ARG F 123 -14.03 -50.09 18.93
C ARG F 123 -14.50 -49.39 17.68
N ALA F 124 -15.21 -48.27 17.83
CA ALA F 124 -15.79 -47.58 16.65
C ALA F 124 -14.69 -47.13 15.73
N PHE F 125 -13.64 -46.57 16.32
CA PHE F 125 -12.50 -46.17 15.52
C PHE F 125 -11.83 -47.37 14.84
N GLN F 126 -11.56 -48.39 15.64
CA GLN F 126 -10.94 -49.61 15.16
C GLN F 126 -11.73 -50.23 13.99
N ASP F 127 -13.06 -50.30 14.17
CA ASP F 127 -13.95 -50.79 13.12
C ASP F 127 -13.85 -49.97 11.83
N TRP F 128 -13.71 -48.64 11.95
CA TRP F 128 -13.60 -47.83 10.74
C TRP F 128 -12.23 -48.07 10.10
N GLN F 129 -11.17 -48.02 10.92
CA GLN F 129 -9.79 -48.06 10.41
C GLN F 129 -9.49 -49.39 9.71
N GLN F 130 -9.98 -50.49 10.28
CA GLN F 130 -9.73 -51.82 9.75
C GLN F 130 -10.66 -52.21 8.61
N SER F 131 -11.65 -51.39 8.30
CA SER F 131 -12.54 -51.71 7.19
C SER F 131 -11.88 -51.19 5.94
N ASP F 132 -12.52 -51.36 4.79
CA ASP F 132 -11.95 -50.78 3.56
C ASP F 132 -12.46 -49.37 3.25
N SER F 133 -13.21 -48.83 4.20
CA SER F 133 -13.88 -47.54 4.07
C SER F 133 -12.86 -46.46 3.69
N TYR F 134 -11.83 -46.28 4.52
CA TYR F 134 -10.80 -45.26 4.22
C TYR F 134 -9.63 -45.85 3.45
N GLY F 146 12.06 -35.16 3.27
CA GLY F 146 13.43 -34.62 3.27
C GLY F 146 14.38 -35.31 2.29
N ILE F 147 13.81 -35.82 1.20
CA ILE F 147 14.56 -36.63 0.22
C ILE F 147 14.69 -35.91 -1.13
N ASP F 148 13.85 -34.89 -1.32
CA ASP F 148 13.78 -34.15 -2.58
C ASP F 148 13.08 -32.80 -2.38
N THR F 149 12.94 -31.98 -3.43
CA THR F 149 12.28 -30.67 -3.31
C THR F 149 10.84 -30.63 -3.92
N THR F 150 10.11 -31.75 -3.89
CA THR F 150 8.83 -31.86 -4.60
C THR F 150 7.72 -32.41 -3.72
N SER F 151 8.08 -33.30 -2.79
CA SER F 151 7.13 -33.84 -1.86
C SER F 151 6.57 -32.71 -1.01
N ILE F 152 5.32 -32.82 -0.62
CA ILE F 152 4.79 -31.79 0.24
C ILE F 152 4.92 -32.14 1.73
N PHE F 153 5.56 -33.28 2.02
CA PHE F 153 5.65 -33.76 3.43
C PHE F 153 7.06 -33.62 3.95
N SER F 154 7.23 -33.11 5.19
CA SER F 154 8.59 -32.80 5.65
C SER F 154 9.24 -33.93 6.46
N ARG F 155 8.40 -34.81 6.99
CA ARG F 155 8.89 -35.99 7.74
C ARG F 155 7.71 -36.95 7.84
N PRO F 156 7.96 -38.19 8.30
CA PRO F 156 6.85 -39.15 8.27
C PRO F 156 5.69 -38.75 9.14
N SER F 157 4.52 -39.18 8.72
CA SER F 157 3.30 -39.02 9.57
C SER F 157 3.25 -40.06 10.69
N TYR F 158 2.47 -39.80 11.76
CA TYR F 158 2.32 -40.81 12.82
C TYR F 158 0.98 -40.60 13.50
N VAL F 159 0.48 -41.66 14.15
CA VAL F 159 -0.83 -41.59 14.82
C VAL F 159 -0.67 -41.70 16.31
N THR F 160 -1.42 -40.90 17.05
CA THR F 160 -1.49 -41.06 18.50
C THR F 160 -2.96 -41.21 18.88
N THR F 161 -3.19 -42.00 19.92
CA THR F 161 -4.58 -42.21 20.36
C THR F 161 -4.69 -42.02 21.86
N TYR F 162 -5.89 -41.66 22.31
CA TYR F 162 -6.11 -41.28 23.71
C TYR F 162 -7.47 -41.73 24.14
N PHE F 163 -7.63 -42.11 25.39
CA PHE F 163 -8.95 -42.54 25.84
C PHE F 163 -9.53 -41.68 26.98
N ALA F 164 -10.85 -41.70 27.10
CA ALA F 164 -11.56 -40.97 28.16
C ALA F 164 -11.10 -41.38 29.55
N VAL F 165 -10.89 -40.39 30.41
CA VAL F 165 -10.29 -40.61 31.73
C VAL F 165 -11.44 -40.78 32.70
CHA HEM G . -17.28 -15.98 -20.73
CHB HEM G . -19.33 -11.80 -21.91
CHC HEM G . -23.34 -13.08 -19.64
CHD HEM G . -20.87 -16.55 -17.40
C1A HEM G . -17.46 -14.75 -21.26
C2A HEM G . -16.53 -13.98 -22.07
C3A HEM G . -17.11 -12.83 -22.36
C4A HEM G . -18.43 -12.83 -21.75
CMA HEM G . -16.49 -11.71 -23.25
CAA HEM G . -15.10 -14.43 -22.57
CBA HEM G . -15.34 -15.22 -23.85
CGA HEM G . -14.05 -15.82 -24.44
O1A HEM G . -13.90 -15.91 -25.69
O2A HEM G . -13.17 -16.18 -23.62
C1B HEM G . -20.62 -11.79 -21.44
C2B HEM G . -21.63 -10.77 -21.70
C3B HEM G . -22.73 -11.17 -21.09
C4B HEM G . -22.44 -12.39 -20.41
CMB HEM G . -21.49 -9.50 -22.57
CAB HEM G . -24.11 -10.44 -21.04
CBB HEM G . -25.18 -11.10 -21.49
C1C HEM G . -23.01 -14.05 -18.76
C2C HEM G . -23.85 -14.53 -17.70
C3C HEM G . -23.17 -15.47 -17.08
C4C HEM G . -21.87 -15.64 -17.72
CMC HEM G . -25.25 -14.02 -17.36
CAC HEM G . -23.68 -16.24 -15.88
CBC HEM G . -23.07 -17.38 -15.56
C1D HEM G . -19.66 -16.72 -18.08
C2D HEM G . -18.63 -17.66 -17.71
C3D HEM G . -17.51 -17.48 -18.74
C4D HEM G . -17.97 -16.45 -19.64
CMD HEM G . -18.61 -18.64 -16.51
CAD HEM G . -16.18 -18.23 -18.81
CBD HEM G . -16.13 -19.01 -20.12
CGD HEM G . -17.28 -19.97 -20.24
O1D HEM G . -17.38 -20.88 -19.37
O2D HEM G . -18.08 -19.80 -21.20
NA HEM G . -18.65 -14.03 -21.14
NB HEM G . -21.16 -12.80 -20.69
NC HEM G . -21.85 -14.79 -18.78
ND HEM G . -19.26 -16.04 -19.25
FE HEM G . -20.26 -14.44 -20.05
CHA HEM H . 19.89 10.73 -15.20
CHB HEM H . 20.39 11.14 -10.42
CHC HEM H . 23.78 14.50 -11.18
CHD HEM H . 22.43 14.90 -15.74
C1A HEM H . 19.73 10.52 -13.87
C2A HEM H . 18.84 9.56 -13.23
C3A HEM H . 18.99 9.68 -11.90
C4A HEM H . 19.97 10.72 -11.66
CMA HEM H . 18.27 8.87 -10.78
CAA HEM H . 17.92 8.57 -14.00
CBA HEM H . 18.68 7.25 -14.02
CGA HEM H . 17.98 6.16 -14.77
O1A HEM H . 18.32 4.97 -14.53
O2A HEM H . 17.12 6.48 -15.62
C1B HEM H . 21.40 12.05 -10.20
C2B HEM H . 22.04 12.34 -8.93
C3B HEM H . 22.98 13.25 -9.16
C4B HEM H . 22.96 13.56 -10.56
CMB HEM H . 21.71 11.69 -7.58
CAB HEM H . 23.92 13.88 -8.11
CBB HEM H . 25.12 14.34 -8.49
C1C HEM H . 23.64 15.00 -12.43
C2C HEM H . 24.26 16.19 -12.97
C3C HEM H . 23.89 16.30 -14.25
C4C HEM H . 23.01 15.19 -14.55
CMC HEM H . 25.19 17.18 -12.21
CAC HEM H . 24.28 17.41 -15.21
CBC HEM H . 24.23 17.22 -16.54
C1D HEM H . 21.59 13.84 -15.99
C2D HEM H . 20.86 13.68 -17.23
C3D HEM H . 20.07 12.39 -17.07
C4D HEM H . 20.40 11.89 -15.75
CMD HEM H . 20.86 14.64 -18.45
CAD HEM H . 19.11 11.78 -18.10
CBD HEM H . 19.63 10.41 -18.53
CGD HEM H . 21.12 10.31 -18.74
O1D HEM H . 21.68 11.09 -19.56
O2D HEM H . 21.73 9.43 -18.10
NA HEM H . 20.42 11.20 -12.88
NB HEM H . 22.02 12.77 -11.19
NC HEM H . 22.93 14.38 -13.45
ND HEM H . 21.32 12.76 -15.14
FE HEM H . 21.72 12.70 -13.20
CHA HEM I . 16.63 -6.41 18.92
CHB HEM I . 20.26 -9.56 18.54
CHC HEM I . 18.37 -12.10 22.18
CHD HEM I . 14.23 -9.65 21.69
C1A HEM I . 17.78 -7.03 18.50
C2A HEM I . 18.67 -6.57 17.45
C3A HEM I . 19.64 -7.47 17.35
C4A HEM I . 19.41 -8.51 18.33
CMA HEM I . 20.86 -7.44 16.40
CAA HEM I . 18.52 -5.27 16.63
CBA HEM I . 19.20 -4.17 17.49
CGA HEM I . 19.20 -2.80 16.83
O1A HEM I . 20.21 -2.00 16.96
O2A HEM I . 18.21 -2.50 16.14
C1B HEM I . 20.08 -10.51 19.53
C2B HEM I . 21.02 -11.56 19.84
C3B HEM I . 20.51 -12.24 20.85
C4B HEM I . 19.22 -11.67 21.20
CMB HEM I . 22.39 -11.84 19.17
CAB HEM I . 21.17 -13.46 21.51
CBB HEM I . 21.14 -13.54 22.83
C1C HEM I . 17.05 -11.76 22.30
C2C HEM I . 16.04 -12.44 23.05
C3C HEM I . 14.89 -11.77 22.90
C4C HEM I . 15.14 -10.62 22.06
CMC HEM I . 16.25 -13.74 23.87
CAC HEM I . 13.55 -12.11 23.52
CBC HEM I . 13.58 -12.75 24.69
C1D HEM I . 14.48 -8.57 20.88
C2D HEM I . 13.48 -7.61 20.46
C3D HEM I . 14.22 -6.59 19.59
C4D HEM I . 15.59 -7.04 19.58
CMD HEM I . 11.98 -7.64 20.81
CAD HEM I . 13.58 -5.38 18.87
CBD HEM I . 14.03 -4.04 19.44
CGD HEM I . 14.24 -4.05 20.92
O1D HEM I . 13.23 -4.19 21.65
O2D HEM I . 15.43 -3.93 21.36
NA HEM I . 18.29 -8.18 19.05
NB HEM I . 19.02 -10.56 20.42
NC HEM I . 16.47 -10.62 21.75
ND HEM I . 15.71 -8.18 20.38
FE HEM I . 17.42 -9.35 20.48
CHA HEM J . -17.40 -1.70 19.37
CHB HEM J . -22.24 -1.70 19.27
CHC HEM J . -22.08 1.91 16.00
CHD HEM J . -17.41 1.10 15.31
C1A HEM J . -18.72 -2.03 19.67
C2A HEM J . -19.22 -2.96 20.67
C3A HEM J . -20.57 -2.94 20.65
C4A HEM J . -20.95 -2.02 19.61
CMA HEM J . -21.58 -3.76 21.50
CAA HEM J . -18.30 -3.76 21.61
CBA HEM J . -18.43 -3.06 22.98
CGA HEM J . -17.44 -3.61 23.99
O1A HEM J . -17.65 -3.32 25.19
O2A HEM J . -16.46 -4.30 23.64
C1B HEM J . -22.60 -0.70 18.40
C2B HEM J . -23.94 -0.29 18.15
C3B HEM J . -23.88 0.70 17.24
C4B HEM J . -22.52 0.94 16.91
CMB HEM J . -25.21 -0.91 18.81
CAB HEM J . -25.05 1.46 16.63
CBB HEM J . -25.26 2.73 17.01
C1C HEM J . -20.83 1.94 15.49
C2C HEM J . -20.41 2.75 14.36
C3C HEM J . -19.12 2.52 14.18
C4C HEM J . -18.69 1.57 15.17
CMC HEM J . -21.35 3.69 13.55
CAC HEM J . -18.18 3.10 13.12
CBC HEM J . -18.11 4.41 12.87
C1D HEM J . -17.01 0.27 16.34
C2D HEM J . -15.67 -0.20 16.45
C3D HEM J . -15.66 -1.07 17.71
C4D HEM J . -17.01 -1.05 18.23
CMD HEM J . -14.50 0.12 15.47
CAD HEM J . -14.48 -1.82 18.33
CBD HEM J . -13.83 -0.97 19.44
CGD HEM J . -13.51 0.47 19.04
O1D HEM J . -12.70 0.69 18.11
O2D HEM J . -14.06 1.40 19.69
NA HEM J . -19.81 -1.45 19.09
NB HEM J . -21.72 0.12 17.70
NC HEM J . -19.74 1.29 15.99
ND HEM J . -17.77 -0.23 17.43
FE HEM J . -19.75 0.02 17.64
CHA HEM K . 3.28 50.37 -15.53
CHB HEM K . 7.62 52.04 -14.25
CHC HEM K . 6.99 49.86 -9.98
CHD HEM K . 3.34 47.29 -11.71
C1A HEM K . 4.48 51.02 -15.58
C2A HEM K . 5.01 51.84 -16.67
C3A HEM K . 6.22 52.28 -16.29
C4A HEM K . 6.48 51.78 -14.96
CMA HEM K . 7.19 53.18 -17.08
CAA HEM K . 4.30 52.13 -18.02
CBA HEM K . 3.77 53.55 -17.86
CGA HEM K . 2.82 53.92 -18.97
O1A HEM K . 2.58 55.15 -19.15
O2A HEM K . 2.29 52.98 -19.65
C1B HEM K . 7.81 51.64 -12.94
C2B HEM K . 8.86 52.11 -12.05
C3B HEM K . 8.65 51.52 -10.87
C4B HEM K . 7.49 50.68 -10.98
CMB HEM K . 9.98 53.11 -12.41
CAB HEM K . 9.53 51.70 -9.60
CBB HEM K . 9.50 50.76 -8.65
C1C HEM K . 6.04 48.89 -10.08
C2C HEM K . 5.74 47.85 -9.13
C3C HEM K . 4.72 47.14 -9.59
C4C HEM K . 4.35 47.69 -10.88
CMC HEM K . 6.46 47.61 -7.77
CAC HEM K . 4.06 45.93 -8.92
CBC HEM K . 2.82 45.56 -9.30
C1D HEM K . 3.03 47.86 -12.91
C2D HEM K . 2.05 47.32 -13.81
C3D HEM K . 2.01 48.26 -15.01
C4D HEM K . 2.99 49.30 -14.72
CMD HEM K . 1.21 46.02 -13.63
CAD HEM K . 1.13 48.09 -16.26
CBD HEM K . 0.18 49.28 -16.44
CGD HEM K . -0.39 49.81 -15.15
O1D HEM K . -1.27 49.13 -14.56
O2D HEM K . 0.05 50.90 -14.71
NA HEM K . 5.39 51.03 -14.54
NB HEM K . 6.98 50.80 -12.24
NC HEM K . 5.12 48.79 -11.12
ND HEM K . 3.55 49.05 -13.44
FE HEM K . 5.19 49.98 -12.83
CHA HEM L . -8.88 -37.42 4.78
CHB HEM L . -7.91 -39.94 8.80
CHC HEM L . -3.30 -40.45 7.21
CHD HEM L . -4.06 -37.02 3.88
C1A HEM L . -9.06 -38.06 5.99
C2A HEM L . -10.31 -38.25 6.73
C3A HEM L . -10.02 -38.96 7.85
C4A HEM L . -8.60 -39.21 7.84
CMA HEM L . -10.97 -39.42 8.96
CAA HEM L . -11.66 -37.72 6.22
CBA HEM L . -12.35 -38.95 5.60
CGA HEM L . -13.69 -38.68 4.96
O1A HEM L . -14.51 -39.64 4.79
O2A HEM L . -14.00 -37.50 4.60
C1B HEM L . -6.59 -40.31 8.70
C2B HEM L . -5.91 -41.15 9.63
C3B HEM L . -4.65 -41.28 9.16
C4B HEM L . -4.50 -40.56 7.95
CMB HEM L . -6.52 -41.78 10.92
CAB HEM L . -3.46 -42.05 9.74
CBB HEM L . -3.44 -43.36 9.52
C1C HEM L . -3.08 -39.51 6.24
C2C HEM L . -1.79 -39.20 5.61
C3C HEM L . -2.03 -38.27 4.70
C4C HEM L . -3.43 -37.94 4.70
CMC HEM L . -0.44 -39.87 5.97
CAC HEM L . -1.01 -37.57 3.80
CBC HEM L . -0.13 -38.29 3.09
C1D HEM L . -5.42 -36.83 3.84
C2D HEM L . -6.04 -35.90 2.95
C3D HEM L . -7.54 -36.02 3.21
C4D HEM L . -7.68 -37.02 4.24
CMD HEM L . -5.35 -34.97 1.93
CAD HEM L . -8.69 -35.26 2.54
CBD HEM L . -9.26 -35.97 1.30
CGD HEM L . -8.20 -36.49 0.36
O1D HEM L . -7.68 -35.71 -0.49
O2D HEM L . -7.88 -37.70 0.44
NA HEM L . -8.10 -38.73 6.67
NB HEM L . -5.73 -40.00 7.64
NC HEM L . -4.04 -38.77 5.61
ND HEM L . -6.42 -37.49 4.55
FE HEM L . -6.11 -38.85 6.06
#